data_3GR2
#
_entry.id   3GR2
#
_cell.length_a   118.525
_cell.length_b   76.547
_cell.length_c   98.009
_cell.angle_alpha   90.00
_cell.angle_beta   116.36
_cell.angle_gamma   90.00
#
_symmetry.space_group_name_H-M   'C 1 2 1'
#
loop_
_entity.id
_entity.type
_entity.pdbx_description
1 polymer Beta-lactamase
2 non-polymer 4-ethyl-5-methyl-2-(1H-tetrazol-5-yl)-1,2-dihydro-3H-pyrazol-3-one
3 water water
#
_entity_poly.entity_id   1
_entity_poly.type   'polypeptide(L)'
_entity_poly.pdbx_seq_one_letter_code
;APQQINDIVHRTITPLIEQQKIPGMAVAVIYQGKPYYFTWGYADIAKKQPVTQQTLFELGSVSKTFTGVLGGDAIARGEI
KLSDPTTKYWPELTAKQWNGITLLHLATYTAGGLPLQVPDEVKSSSDLLRFYQNWQPAWAPGTQRLYANSSIGLFGALAV
KPSGLSFEQAMQTRVFQPLKLNHTWINVPPAEEKNYAWGYREGKAVHVSPGALDAEAYGVKSTIEDMARWVQSNLKPLDI
NEKTLQQGIQLAQSRYWQTGDMYQGLGWEMLDWPVNPDSIINGSDNKIALAARPVKAITPPTPAVRASWVHKTGATGGFG
SYVAFIPEKELGIVMLANKNYPNPARVDAAWQILNALQ
;
_entity_poly.pdbx_strand_id   A,B
#
loop_
_chem_comp.id
_chem_comp.type
_chem_comp.name
_chem_comp.formula
GF4 non-polymer 4-ethyl-5-methyl-2-(1H-tetrazol-5-yl)-1,2-dihydro-3H-pyrazol-3-one 'C7 H10 N6 O'
#
# COMPACT_ATOMS: atom_id res chain seq x y z
N ALA A 1 19.69 31.08 -8.91
CA ALA A 1 18.89 30.09 -9.66
C ALA A 1 19.27 30.05 -11.15
N PRO A 2 19.06 28.89 -11.82
CA PRO A 2 19.14 28.86 -13.28
C PRO A 2 18.22 29.92 -13.88
N GLN A 3 18.68 30.59 -14.94
CA GLN A 3 17.92 31.70 -15.51
C GLN A 3 16.53 31.29 -16.01
N GLN A 4 16.36 30.07 -16.52
CA GLN A 4 15.03 29.60 -16.92
C GLN A 4 14.05 29.64 -15.75
N ILE A 5 14.46 29.11 -14.60
CA ILE A 5 13.62 29.12 -13.40
C ILE A 5 13.32 30.54 -12.95
N ASN A 6 14.36 31.37 -12.85
CA ASN A 6 14.19 32.78 -12.51
C ASN A 6 13.14 33.44 -13.41
N ASP A 7 13.33 33.29 -14.72
CA ASP A 7 12.45 33.93 -15.70
C ASP A 7 11.01 33.43 -15.64
N ILE A 8 10.82 32.11 -15.64
CA ILE A 8 9.46 31.57 -15.59
C ILE A 8 8.72 32.00 -14.32
N VAL A 9 9.39 31.93 -13.17
CA VAL A 9 8.76 32.34 -11.90
C VAL A 9 8.38 33.81 -11.93
N HIS A 10 9.34 34.69 -12.20
CA HIS A 10 9.08 36.13 -12.17
C HIS A 10 8.04 36.57 -13.19
N ARG A 11 8.11 36.03 -14.41
CA ARG A 11 7.15 36.38 -15.44
C ARG A 11 5.74 35.88 -15.15
N THR A 12 5.63 34.82 -14.34
CA THR A 12 4.32 34.30 -13.93
C THR A 12 3.78 35.00 -12.67
N ILE A 13 4.63 35.13 -11.65
CA ILE A 13 4.21 35.60 -10.33
C ILE A 13 3.99 37.13 -10.25
N THR A 14 4.84 37.90 -10.91
CA THR A 14 4.72 39.36 -10.88
C THR A 14 3.33 39.86 -11.32
N PRO A 15 2.84 39.44 -12.50
CA PRO A 15 1.47 39.80 -12.91
C PRO A 15 0.40 39.26 -11.96
N LEU A 16 0.61 38.04 -11.44
CA LEU A 16 -0.28 37.46 -10.45
C LEU A 16 -0.42 38.36 -9.22
N ILE A 17 0.71 38.77 -8.66
CA ILE A 17 0.73 39.66 -7.50
C ILE A 17 0.02 40.98 -7.79
N GLU A 18 0.26 41.52 -8.98
CA GLU A 18 -0.39 42.76 -9.42
C GLU A 18 -1.90 42.58 -9.56
N GLN A 19 -2.31 41.61 -10.37
CA GLN A 19 -3.72 41.35 -10.67
C GLN A 19 -4.53 41.09 -9.39
N GLN A 20 -3.95 40.32 -8.48
CA GLN A 20 -4.66 39.88 -7.27
C GLN A 20 -4.46 40.77 -6.05
N LYS A 21 -3.64 41.81 -6.19
CA LYS A 21 -3.34 42.74 -5.09
C LYS A 21 -2.85 41.99 -3.84
N ILE A 22 -1.87 41.10 -4.06
CA ILE A 22 -1.29 40.28 -3.00
C ILE A 22 -0.21 41.09 -2.26
N PRO A 23 -0.38 41.27 -0.93
CA PRO A 23 0.58 42.07 -0.16
C PRO A 23 1.97 41.45 -0.07
N GLY A 24 2.04 40.13 0.09
CA GLY A 24 3.31 39.42 0.19
C GLY A 24 3.21 38.00 -0.30
N MET A 25 4.28 37.49 -0.88
CA MET A 25 4.29 36.15 -1.45
C MET A 25 5.67 35.52 -1.35
N ALA A 26 5.69 34.22 -1.02
CA ALA A 26 6.89 33.41 -1.13
C ALA A 26 6.61 32.23 -2.06
N VAL A 27 7.56 31.94 -2.93
CA VAL A 27 7.44 30.82 -3.87
C VAL A 27 8.70 29.97 -3.79
N ALA A 28 8.51 28.65 -3.79
CA ALA A 28 9.61 27.71 -3.92
C ALA A 28 9.36 26.80 -5.11
N VAL A 29 10.35 26.68 -5.98
CA VAL A 29 10.31 25.69 -7.05
C VAL A 29 11.31 24.58 -6.72
N ILE A 30 10.84 23.35 -6.74
CA ILE A 30 11.71 22.20 -6.59
C ILE A 30 11.99 21.68 -7.99
N TYR A 31 13.25 21.71 -8.39
CA TYR A 31 13.64 21.34 -9.76
C TYR A 31 14.84 20.41 -9.70
N GLN A 32 14.65 19.18 -10.20
CA GLN A 32 15.64 18.11 -10.04
C GLN A 32 16.02 17.91 -8.58
N GLY A 33 15.03 18.07 -7.69
CA GLY A 33 15.21 17.80 -6.27
C GLY A 33 15.63 18.99 -5.43
N LYS A 34 16.25 19.98 -6.08
CA LYS A 34 16.79 21.14 -5.38
C LYS A 34 15.78 22.28 -5.33
N PRO A 35 15.73 23.00 -4.17
CA PRO A 35 14.85 24.14 -3.96
C PRO A 35 15.40 25.48 -4.42
N TYR A 36 14.55 26.28 -5.04
CA TYR A 36 14.88 27.66 -5.41
C TYR A 36 13.78 28.58 -4.90
N TYR A 37 14.19 29.64 -4.20
CA TYR A 37 13.25 30.48 -3.46
C TYR A 37 13.09 31.87 -4.05
N PHE A 38 11.89 32.41 -3.90
CA PHE A 38 11.53 33.72 -4.43
C PHE A 38 10.57 34.38 -3.46
N THR A 39 10.81 35.66 -3.15
CA THR A 39 9.94 36.41 -2.24
C THR A 39 9.60 37.80 -2.79
N TRP A 40 8.41 38.28 -2.44
CA TRP A 40 7.93 39.60 -2.85
C TRP A 40 7.18 40.25 -1.70
N GLY A 41 7.23 41.58 -1.65
CA GLY A 41 6.31 42.34 -0.82
C GLY A 41 6.42 42.15 0.68
N TYR A 42 5.27 42.22 1.35
CA TYR A 42 5.22 42.44 2.80
C TYR A 42 4.54 41.36 3.62
N ALA A 43 5.23 40.95 4.69
CA ALA A 43 4.64 40.10 5.72
C ALA A 43 3.75 40.92 6.65
N ASP A 44 4.16 42.16 6.91
CA ASP A 44 3.41 43.10 7.74
C ASP A 44 3.52 44.48 7.09
N ILE A 45 2.41 44.95 6.53
CA ILE A 45 2.39 46.24 5.82
C ILE A 45 2.64 47.39 6.80
N ALA A 46 1.91 47.40 7.91
CA ALA A 46 2.01 48.47 8.90
C ALA A 46 3.42 48.65 9.45
N LYS A 47 4.09 47.54 9.74
CA LYS A 47 5.43 47.59 10.31
C LYS A 47 6.54 47.46 9.24
N LYS A 48 6.14 47.45 7.98
CA LYS A 48 7.08 47.38 6.84
C LYS A 48 8.07 46.22 6.98
N GLN A 49 7.54 45.04 7.29
CA GLN A 49 8.33 43.81 7.38
C GLN A 49 8.24 43.05 6.08
N PRO A 50 9.38 42.79 5.42
CA PRO A 50 9.34 42.09 4.14
C PRO A 50 9.07 40.61 4.33
N VAL A 51 8.53 39.97 3.29
CA VAL A 51 8.47 38.52 3.24
C VAL A 51 9.91 38.03 3.03
N THR A 52 10.31 37.06 3.84
CA THR A 52 11.61 36.42 3.70
C THR A 52 11.41 34.91 3.61
N GLN A 53 12.51 34.18 3.49
CA GLN A 53 12.46 32.71 3.50
C GLN A 53 12.12 32.15 4.89
N GLN A 54 12.08 33.04 5.88
CA GLN A 54 11.77 32.67 7.27
C GLN A 54 10.37 33.08 7.71
N THR A 55 9.63 33.76 6.83
CA THR A 55 8.28 34.23 7.14
C THR A 55 7.33 33.04 7.27
N LEU A 56 6.52 33.04 8.34
CA LEU A 56 5.48 32.03 8.53
C LEU A 56 4.17 32.48 7.88
N PHE A 57 3.57 31.56 7.11
CA PHE A 57 2.27 31.77 6.48
C PHE A 57 1.29 30.73 7.02
N GLU A 58 0.02 31.11 7.13
CA GLU A 58 -1.04 30.15 7.44
C GLU A 58 -1.30 29.30 6.20
N LEU A 59 -1.14 27.98 6.34
CA LEU A 59 -1.33 27.06 5.23
C LEU A 59 -2.80 26.78 4.94
N GLY A 60 -3.67 27.05 5.92
CA GLY A 60 -5.08 26.69 5.79
C GLY A 60 -5.18 25.21 5.49
N SER A 61 -5.95 24.85 4.46
CA SER A 61 -6.24 23.45 4.14
C SER A 61 -5.07 22.61 3.62
N VAL A 62 -3.96 23.25 3.27
CA VAL A 62 -2.73 22.50 2.95
C VAL A 62 -2.30 21.69 4.19
N SER A 63 -2.74 22.12 5.37
CA SER A 63 -2.56 21.37 6.61
C SER A 63 -3.08 19.94 6.52
N LYS A 64 -4.13 19.73 5.71
CA LYS A 64 -4.73 18.40 5.53
C LYS A 64 -3.73 17.38 4.99
N THR A 65 -2.73 17.85 4.26
CA THR A 65 -1.67 16.95 3.77
C THR A 65 -0.82 16.41 4.91
N PHE A 66 -0.59 17.24 5.94
CA PHE A 66 0.11 16.80 7.14
C PHE A 66 -0.74 15.81 7.92
N THR A 67 -2.02 16.14 8.09
CA THR A 67 -2.96 15.25 8.76
C THR A 67 -3.06 13.89 8.05
N GLY A 68 -3.13 13.91 6.72
CA GLY A 68 -3.18 12.69 5.93
C GLY A 68 -1.95 11.82 6.13
N VAL A 69 -0.78 12.46 6.13
CA VAL A 69 0.49 11.75 6.32
C VAL A 69 0.65 11.22 7.75
N LEU A 70 0.25 12.03 8.74
CA LEU A 70 0.27 11.59 10.13
C LEU A 70 -0.63 10.36 10.32
N GLY A 71 -1.79 10.39 9.68
CA GLY A 71 -2.72 9.26 9.67
C GLY A 71 -2.12 8.02 9.02
N GLY A 72 -1.46 8.22 7.89
CA GLY A 72 -0.76 7.14 7.18
C GLY A 72 0.33 6.53 8.03
N ASP A 73 1.06 7.38 8.76
CA ASP A 73 2.11 6.93 9.68
C ASP A 73 1.52 6.06 10.79
N ALA A 74 0.36 6.44 11.30
CA ALA A 74 -0.35 5.67 12.33
C ALA A 74 -0.80 4.30 11.82
N ILE A 75 -1.23 4.26 10.56
CA ILE A 75 -1.56 3.00 9.89
C ILE A 75 -0.31 2.11 9.86
N ALA A 76 0.79 2.67 9.37
CA ALA A 76 2.07 1.96 9.28
C ALA A 76 2.57 1.47 10.64
N ARG A 77 2.31 2.25 11.69
CA ARG A 77 2.66 1.84 13.06
C ARG A 77 1.77 0.71 13.58
N GLY A 78 0.72 0.39 12.83
CA GLY A 78 -0.27 -0.62 13.26
C GLY A 78 -1.21 -0.13 14.35
N GLU A 79 -1.28 1.18 14.54
CA GLU A 79 -2.12 1.78 15.59
C GLU A 79 -3.59 1.88 15.17
N ILE A 80 -3.80 2.11 13.88
CA ILE A 80 -5.13 2.23 13.31
C ILE A 80 -5.18 1.53 11.95
N LYS A 81 -6.38 1.24 11.48
CA LYS A 81 -6.60 0.77 10.11
C LYS A 81 -7.71 1.63 9.51
N LEU A 82 -7.60 1.95 8.23
CA LEU A 82 -8.62 2.76 7.54
C LEU A 82 -9.96 2.03 7.41
N SER A 83 -9.91 0.70 7.51
CA SER A 83 -11.11 -0.14 7.51
C SER A 83 -11.82 -0.16 8.87
N ASP A 84 -11.15 0.34 9.92
CA ASP A 84 -11.77 0.40 11.24
C ASP A 84 -13.03 1.27 11.23
N PRO A 85 -14.11 0.81 11.90
CA PRO A 85 -15.25 1.69 12.12
C PRO A 85 -14.86 2.89 13.00
N THR A 86 -15.45 4.06 12.74
CA THR A 86 -15.22 5.26 13.54
C THR A 86 -15.41 4.99 15.04
N THR A 87 -16.41 4.17 15.35
CA THR A 87 -16.81 3.86 16.74
C THR A 87 -15.75 3.08 17.52
N LYS A 88 -14.83 2.42 16.82
CA LYS A 88 -13.71 1.74 17.49
C LYS A 88 -12.85 2.71 18.31
N TYR A 89 -12.74 3.95 17.84
CA TYR A 89 -11.91 4.95 18.50
C TYR A 89 -12.71 6.04 19.22
N TRP A 90 -14.02 6.06 18.98
CA TRP A 90 -14.93 6.92 19.71
C TRP A 90 -16.21 6.12 19.99
N PRO A 91 -16.15 5.20 20.96
CA PRO A 91 -17.32 4.34 21.20
C PRO A 91 -18.53 5.06 21.81
N GLU A 92 -18.34 6.31 22.23
CA GLU A 92 -19.43 7.15 22.71
C GLU A 92 -20.29 7.67 21.54
N LEU A 93 -19.81 7.42 20.31
CA LEU A 93 -20.56 7.72 19.09
C LEU A 93 -21.52 6.57 18.78
N THR A 94 -22.60 6.51 19.55
CA THR A 94 -23.52 5.36 19.55
C THR A 94 -24.69 5.49 18.57
N ALA A 95 -24.95 6.71 18.10
CA ALA A 95 -26.03 6.95 17.14
C ALA A 95 -25.87 6.06 15.91
N LYS A 96 -26.98 5.47 15.47
CA LYS A 96 -26.96 4.43 14.45
C LYS A 96 -26.31 4.83 13.14
N GLN A 97 -26.54 6.07 12.69
CA GLN A 97 -26.01 6.52 11.41
C GLN A 97 -24.50 6.28 11.26
N TRP A 98 -23.83 6.07 12.38
CA TRP A 98 -22.39 5.84 12.39
C TRP A 98 -21.98 4.40 12.04
N ASN A 99 -22.94 3.48 12.07
CA ASN A 99 -22.70 2.11 11.61
CA ASN A 99 -22.70 2.12 11.61
C ASN A 99 -22.26 2.11 10.15
N GLY A 100 -21.07 1.58 9.90
CA GLY A 100 -20.54 1.51 8.54
C GLY A 100 -19.71 2.70 8.09
N ILE A 101 -19.62 3.73 8.93
CA ILE A 101 -18.72 4.87 8.65
C ILE A 101 -17.35 4.56 9.23
N THR A 102 -16.37 4.41 8.33
CA THR A 102 -15.02 3.99 8.72
C THR A 102 -14.06 5.17 8.75
N LEU A 103 -12.85 4.95 9.24
CA LEU A 103 -11.81 5.98 9.22
C LEU A 103 -11.48 6.43 7.79
N LEU A 104 -11.57 5.51 6.84
CA LEU A 104 -11.39 5.86 5.42
C LEU A 104 -12.39 6.93 4.99
N HIS A 105 -13.66 6.72 5.29
CA HIS A 105 -14.71 7.68 4.95
C HIS A 105 -14.43 9.06 5.53
N LEU A 106 -14.01 9.09 6.78
CA LEU A 106 -13.68 10.35 7.44
C LEU A 106 -12.52 11.05 6.75
N ALA A 107 -11.45 10.30 6.48
CA ALA A 107 -10.24 10.86 5.87
C ALA A 107 -10.47 11.41 4.46
N THR A 108 -11.45 10.84 3.74
CA THR A 108 -11.62 11.12 2.32
C THR A 108 -12.90 11.86 1.96
N TYR A 109 -13.58 12.41 2.96
CA TYR A 109 -14.81 13.22 2.78
C TYR A 109 -15.99 12.41 2.24
N THR A 110 -15.99 11.10 2.48
CA THR A 110 -17.02 10.22 1.92
C THR A 110 -17.97 9.60 2.95
N ALA A 111 -18.05 10.21 4.13
CA ALA A 111 -18.90 9.67 5.22
C ALA A 111 -20.41 9.77 4.96
N GLY A 112 -20.80 10.60 4.01
CA GLY A 112 -22.20 10.79 3.67
C GLY A 112 -22.69 12.20 3.92
N GLY A 113 -21.80 13.16 3.74
CA GLY A 113 -22.17 14.57 3.82
C GLY A 113 -21.94 15.27 5.15
N LEU A 114 -20.87 14.93 5.84
CA LEU A 114 -20.41 15.71 6.99
C LEU A 114 -20.14 17.15 6.54
N PRO A 115 -20.54 18.15 7.34
CA PRO A 115 -20.52 19.54 6.86
C PRO A 115 -19.12 20.13 6.64
N LEU A 116 -19.02 21.13 5.76
CA LEU A 116 -17.75 21.80 5.45
C LEU A 116 -17.05 22.31 6.69
N GLN A 117 -17.82 22.96 7.57
CA GLN A 117 -17.29 23.55 8.80
C GLN A 117 -17.96 22.97 10.04
N VAL A 118 -17.19 22.80 11.11
CA VAL A 118 -17.75 22.58 12.43
C VAL A 118 -18.32 23.95 12.84
N PRO A 119 -19.57 23.98 13.33
CA PRO A 119 -20.16 25.27 13.75
C PRO A 119 -19.31 25.95 14.82
N ASP A 120 -19.23 27.28 14.75
CA ASP A 120 -18.46 28.05 15.74
C ASP A 120 -19.03 27.89 17.14
N GLU A 121 -20.32 27.54 17.19
CA GLU A 121 -21.04 27.29 18.44
C GLU A 121 -20.47 26.09 19.20
N VAL A 122 -19.81 25.19 18.48
CA VAL A 122 -19.14 24.04 19.08
C VAL A 122 -17.83 24.51 19.74
N LYS A 123 -17.84 24.64 21.06
CA LYS A 123 -16.70 25.16 21.82
C LYS A 123 -16.04 24.12 22.73
N SER A 124 -16.85 23.22 23.29
CA SER A 124 -16.36 22.19 24.20
C SER A 124 -16.31 20.82 23.53
N SER A 125 -15.72 19.83 24.20
CA SER A 125 -15.70 18.47 23.64
C SER A 125 -17.03 17.72 23.81
N SER A 126 -17.87 18.17 24.74
CA SER A 126 -19.24 17.66 24.83
C SER A 126 -20.09 18.28 23.72
N ASP A 127 -19.78 19.53 23.36
CA ASP A 127 -20.38 20.18 22.19
C ASP A 127 -20.08 19.38 20.92
N LEU A 128 -18.84 18.89 20.85
CA LEU A 128 -18.36 18.15 19.68
C LEU A 128 -19.03 16.78 19.54
N LEU A 129 -19.13 16.06 20.66
CA LEU A 129 -19.85 14.78 20.67
C LEU A 129 -21.30 14.95 20.24
N ARG A 130 -21.97 15.95 20.80
CA ARG A 130 -23.35 16.27 20.43
C ARG A 130 -23.48 16.50 18.94
N PHE A 131 -22.56 17.31 18.40
CA PHE A 131 -22.54 17.65 16.98
C PHE A 131 -22.53 16.41 16.07
N TYR A 132 -21.58 15.51 16.30
CA TYR A 132 -21.46 14.30 15.49
C TYR A 132 -22.57 13.27 15.75
N GLN A 133 -23.04 13.20 16.99
CA GLN A 133 -24.15 12.33 17.33
C GLN A 133 -25.44 12.74 16.63
N ASN A 134 -25.66 14.06 16.54
CA ASN A 134 -26.89 14.63 15.99
C ASN A 134 -26.88 14.83 14.47
N TRP A 135 -25.69 14.74 13.86
CA TRP A 135 -25.54 14.89 12.43
C TRP A 135 -26.28 13.79 11.67
N GLN A 136 -27.08 14.18 10.69
CA GLN A 136 -27.79 13.22 9.84
C GLN A 136 -27.22 13.20 8.43
N PRO A 137 -26.63 12.04 8.03
CA PRO A 137 -26.09 11.89 6.68
C PRO A 137 -27.15 12.01 5.62
N ALA A 138 -26.80 12.68 4.52
CA ALA A 138 -27.67 12.81 3.37
C ALA A 138 -27.58 11.56 2.51
N TRP A 139 -26.43 10.89 2.57
CA TRP A 139 -26.13 9.76 1.69
C TRP A 139 -25.52 8.62 2.48
N ALA A 140 -25.62 7.40 1.94
CA ALA A 140 -24.95 6.23 2.49
C ALA A 140 -23.43 6.45 2.44
N PRO A 141 -22.67 5.80 3.36
CA PRO A 141 -21.21 5.91 3.34
C PRO A 141 -20.62 5.46 2.00
N GLY A 142 -19.56 6.14 1.58
CA GLY A 142 -18.80 5.77 0.39
C GLY A 142 -19.52 5.90 -0.94
N THR A 143 -20.43 6.87 -1.04
CA THR A 143 -21.17 7.10 -2.28
C THR A 143 -20.93 8.49 -2.87
N GLN A 144 -20.77 9.50 -2.00
CA GLN A 144 -20.48 10.85 -2.46
C GLN A 144 -19.37 11.54 -1.66
N ARG A 145 -18.60 12.37 -2.35
CA ARG A 145 -17.55 13.17 -1.72
C ARG A 145 -18.06 14.59 -1.51
N LEU A 146 -17.94 15.07 -0.28
CA LEU A 146 -18.19 16.47 0.03
C LEU A 146 -17.05 16.97 0.91
N TYR A 147 -16.15 17.74 0.30
CA TYR A 147 -15.02 18.34 1.01
C TYR A 147 -15.48 18.94 2.32
N ALA A 148 -14.83 18.53 3.42
CA ALA A 148 -15.33 18.87 4.76
C ALA A 148 -14.23 18.88 5.82
N ASN A 149 -14.11 19.99 6.54
CA ASN A 149 -13.21 20.06 7.68
C ASN A 149 -13.65 19.15 8.83
N SER A 150 -14.96 19.01 9.01
CA SER A 150 -15.51 18.16 10.07
C SER A 150 -15.25 16.67 9.80
N SER A 151 -14.91 16.35 8.56
CA SER A 151 -14.63 14.97 8.17
C SER A 151 -13.17 14.60 8.45
N ILE A 152 -12.24 15.22 7.73
CA ILE A 152 -10.82 14.92 7.94
C ILE A 152 -10.32 15.42 9.31
N GLY A 153 -10.97 16.47 9.83
CA GLY A 153 -10.66 16.96 11.18
C GLY A 153 -10.85 15.88 12.21
N LEU A 154 -11.98 15.17 12.12
CA LEU A 154 -12.28 14.07 13.04
C LEU A 154 -11.31 12.91 12.83
N PHE A 155 -11.01 12.58 11.57
CA PHE A 155 -10.02 11.54 11.27
C PHE A 155 -8.70 11.81 11.98
N GLY A 156 -8.19 13.04 11.87
CA GLY A 156 -6.95 13.43 12.52
C GLY A 156 -6.96 13.23 14.01
N ALA A 157 -8.06 13.66 14.66
CA ALA A 157 -8.20 13.51 16.10
C ALA A 157 -8.23 12.05 16.54
N LEU A 158 -8.94 11.22 15.79
CA LEU A 158 -9.07 9.80 16.14
C LEU A 158 -7.82 9.00 15.80
N ALA A 159 -7.13 9.40 14.73
CA ALA A 159 -5.95 8.70 14.25
C ALA A 159 -4.83 8.67 15.29
N VAL A 160 -4.77 9.69 16.13
CA VAL A 160 -3.73 9.78 17.16
C VAL A 160 -4.14 9.21 18.52
N LYS A 161 -5.39 8.76 18.64
CA LYS A 161 -5.88 8.29 19.94
C LYS A 161 -5.07 7.12 20.56
N PRO A 162 -4.84 6.03 19.79
CA PRO A 162 -4.05 4.91 20.33
C PRO A 162 -2.65 5.29 20.84
N SER A 163 -2.01 6.28 20.20
CA SER A 163 -0.67 6.74 20.58
C SER A 163 -0.62 7.36 21.99
N GLY A 164 -1.75 7.88 22.45
N GLY A 164 -1.76 7.89 22.44
CA GLY A 164 -1.80 8.57 23.74
CA GLY A 164 -1.85 8.59 23.72
C GLY A 164 -1.13 9.94 23.71
C GLY A 164 -1.43 10.04 23.62
N LEU A 165 -0.80 10.39 22.51
CA LEU A 165 -0.25 11.73 22.30
C LEU A 165 -1.36 12.67 21.87
N SER A 166 -1.22 13.95 22.21
CA SER A 166 -2.09 14.97 21.66
C SER A 166 -1.83 15.05 20.17
N PHE A 167 -2.78 15.58 19.40
CA PHE A 167 -2.57 15.72 17.97
C PHE A 167 -1.30 16.53 17.69
N GLU A 168 -1.10 17.62 18.44
CA GLU A 168 0.08 18.46 18.28
C GLU A 168 1.40 17.72 18.60
N GLN A 169 1.43 16.98 19.71
CA GLN A 169 2.64 16.22 20.06
C GLN A 169 2.95 15.15 19.03
N ALA A 170 1.93 14.44 18.56
CA ALA A 170 2.10 13.42 17.54
C ALA A 170 2.67 14.00 16.24
N MET A 171 2.07 15.09 15.78
CA MET A 171 2.54 15.77 14.57
C MET A 171 3.99 16.26 14.70
N GLN A 172 4.29 16.94 15.81
CA GLN A 172 5.65 17.39 16.11
C GLN A 172 6.66 16.24 16.10
N THR A 173 6.39 15.20 16.88
CA THR A 173 7.33 14.08 17.09
C THR A 173 7.44 13.13 15.89
N ARG A 174 6.34 12.91 15.19
CA ARG A 174 6.29 11.87 14.17
C ARG A 174 6.42 12.38 12.72
N VAL A 175 6.16 13.67 12.52
CA VAL A 175 6.23 14.27 11.19
C VAL A 175 7.21 15.44 11.09
N PHE A 176 6.97 16.51 11.86
CA PHE A 176 7.81 17.71 11.77
C PHE A 176 9.27 17.44 12.11
N GLN A 177 9.52 16.88 13.29
CA GLN A 177 10.89 16.63 13.76
C GLN A 177 11.72 15.71 12.84
N PRO A 178 11.21 14.50 12.50
CA PRO A 178 11.99 13.63 11.61
C PRO A 178 12.33 14.27 10.26
N LEU A 179 11.42 15.11 9.75
CA LEU A 179 11.62 15.76 8.45
C LEU A 179 12.39 17.07 8.55
N LYS A 180 12.82 17.41 9.77
CA LYS A 180 13.56 18.64 10.06
C LYS A 180 12.78 19.90 9.66
N LEU A 181 11.47 19.84 9.89
CA LEU A 181 10.61 20.99 9.68
C LEU A 181 10.57 21.75 11.00
N ASN A 182 11.65 22.48 11.27
CA ASN A 182 11.86 23.14 12.56
C ASN A 182 11.18 24.51 12.69
N HIS A 183 10.54 24.96 11.62
CA HIS A 183 9.81 26.23 11.62
C HIS A 183 8.40 26.04 11.06
N THR A 184 7.81 24.92 11.44
CA THR A 184 6.45 24.56 11.09
C THR A 184 5.71 24.31 12.40
N TRP A 185 4.53 24.92 12.54
CA TRP A 185 3.86 25.01 13.82
C TRP A 185 2.35 24.86 13.72
N ILE A 186 1.75 24.15 14.68
CA ILE A 186 0.30 24.17 14.85
C ILE A 186 -0.08 25.39 15.69
N ASN A 187 0.73 25.66 16.71
CA ASN A 187 0.63 26.89 17.49
C ASN A 187 1.94 27.64 17.39
N VAL A 188 1.89 28.88 16.89
CA VAL A 188 3.10 29.68 16.71
C VAL A 188 3.69 30.06 18.08
N PRO A 189 4.92 29.61 18.37
CA PRO A 189 5.52 29.94 19.65
C PRO A 189 5.88 31.43 19.74
N PRO A 190 5.86 32.01 20.96
CA PRO A 190 6.28 33.41 21.12
C PRO A 190 7.61 33.75 20.45
N ALA A 191 8.57 32.82 20.46
CA ALA A 191 9.88 33.02 19.84
C ALA A 191 9.81 33.30 18.34
N GLU A 192 8.76 32.79 17.71
CA GLU A 192 8.62 32.87 16.25
C GLU A 192 7.65 33.96 15.80
N GLU A 193 7.09 34.71 16.76
CA GLU A 193 6.08 35.72 16.45
C GLU A 193 6.58 36.84 15.53
N LYS A 194 7.89 37.12 15.60
CA LYS A 194 8.53 38.09 14.71
C LYS A 194 8.45 37.68 13.22
N ASN A 195 8.33 36.37 12.98
CA ASN A 195 8.30 35.82 11.62
C ASN A 195 6.88 35.59 11.08
N TYR A 196 5.88 35.70 11.94
CA TYR A 196 4.49 35.38 11.58
C TYR A 196 3.86 36.52 10.78
N ALA A 197 3.67 36.29 9.48
CA ALA A 197 3.00 37.25 8.61
C ALA A 197 1.58 37.50 9.08
N TRP A 198 1.08 38.70 8.79
CA TRP A 198 -0.34 38.98 8.95
C TRP A 198 -1.04 38.60 7.67
N GLY A 199 -2.25 38.06 7.79
CA GLY A 199 -3.10 37.84 6.63
C GLY A 199 -3.86 39.12 6.36
N TYR A 200 -4.31 39.30 5.13
CA TYR A 200 -5.07 40.50 4.78
C TYR A 200 -6.39 40.20 4.11
N ARG A 201 -7.47 40.64 4.75
CA ARG A 201 -8.81 40.46 4.26
C ARG A 201 -9.53 41.80 4.32
N GLU A 202 -10.06 42.22 3.18
CA GLU A 202 -10.66 43.55 3.00
C GLU A 202 -9.79 44.67 3.59
N GLY A 203 -8.47 44.51 3.41
CA GLY A 203 -7.49 45.52 3.84
C GLY A 203 -7.07 45.48 5.30
N LYS A 204 -7.69 44.60 6.09
CA LYS A 204 -7.38 44.46 7.51
C LYS A 204 -6.30 43.40 7.71
N ALA A 205 -5.53 43.53 8.80
CA ALA A 205 -4.60 42.49 9.22
C ALA A 205 -5.35 41.48 10.10
N VAL A 206 -5.29 40.20 9.71
CA VAL A 206 -6.02 39.14 10.41
C VAL A 206 -5.16 37.89 10.61
N HIS A 207 -5.41 37.18 11.69
CA HIS A 207 -4.88 35.82 11.87
C HIS A 207 -6.03 34.85 12.04
N VAL A 208 -5.79 33.58 11.76
CA VAL A 208 -6.81 32.55 11.89
C VAL A 208 -7.35 32.51 13.33
N SER A 209 -8.67 32.36 13.46
CA SER A 209 -9.31 32.25 14.77
C SER A 209 -9.35 30.80 15.24
N PRO A 210 -9.25 30.57 16.57
CA PRO A 210 -9.37 29.21 17.10
C PRO A 210 -10.75 28.64 16.79
N GLY A 211 -10.80 27.33 16.56
CA GLY A 211 -12.06 26.65 16.27
C GLY A 211 -11.89 25.17 16.57
N ALA A 212 -13.00 24.45 16.66
CA ALA A 212 -12.94 23.02 16.91
C ALA A 212 -12.25 22.31 15.76
N LEU A 213 -11.39 21.35 16.09
CA LEU A 213 -10.62 20.56 15.11
C LEU A 213 -9.84 21.42 14.10
N ASP A 214 -9.41 22.59 14.56
CA ASP A 214 -8.65 23.50 13.71
C ASP A 214 -7.26 22.97 13.37
N ALA A 215 -6.56 22.45 14.37
CA ALA A 215 -5.22 21.89 14.18
C ALA A 215 -5.23 20.81 13.10
N GLU A 216 -6.25 19.96 13.16
CA GLU A 216 -6.38 18.77 12.33
C GLU A 216 -6.78 19.09 10.89
N ALA A 217 -7.47 20.20 10.69
CA ALA A 217 -8.08 20.51 9.40
C ALA A 217 -7.45 21.67 8.65
N TYR A 218 -6.99 22.71 9.37
CA TYR A 218 -6.52 23.94 8.73
C TYR A 218 -5.50 24.75 9.55
N GLY A 219 -4.90 24.11 10.54
CA GLY A 219 -4.16 24.84 11.58
C GLY A 219 -2.66 25.05 11.46
N VAL A 220 -2.02 24.51 10.43
CA VAL A 220 -0.56 24.59 10.35
C VAL A 220 -0.05 25.91 9.76
N LYS A 221 1.03 26.43 10.34
CA LYS A 221 1.76 27.58 9.80
C LYS A 221 3.19 27.16 9.49
N SER A 222 3.76 27.68 8.39
CA SER A 222 5.06 27.22 7.92
C SER A 222 5.79 28.26 7.08
N THR A 223 7.10 28.04 6.88
CA THR A 223 7.95 28.88 6.05
C THR A 223 8.06 28.30 4.65
N ILE A 224 8.52 29.10 3.71
CA ILE A 224 8.74 28.63 2.34
C ILE A 224 9.82 27.52 2.30
N GLU A 225 10.79 27.60 3.21
CA GLU A 225 11.87 26.61 3.29
C GLU A 225 11.38 25.25 3.77
N ASP A 226 10.63 25.24 4.87
CA ASP A 226 10.05 24.00 5.38
C ASP A 226 9.05 23.40 4.39
N MET A 227 8.29 24.25 3.71
CA MET A 227 7.31 23.77 2.74
C MET A 227 7.97 23.17 1.51
N ALA A 228 9.09 23.75 1.09
CA ALA A 228 9.95 23.13 0.07
C ALA A 228 10.43 21.73 0.50
N ARG A 229 10.86 21.62 1.76
CA ARG A 229 11.31 20.35 2.32
CA ARG A 229 11.30 20.34 2.34
C ARG A 229 10.14 19.34 2.38
N TRP A 230 8.95 19.84 2.69
CA TRP A 230 7.73 19.03 2.72
C TRP A 230 7.45 18.44 1.33
N VAL A 231 7.55 19.27 0.30
CA VAL A 231 7.39 18.82 -1.09
C VAL A 231 8.45 17.79 -1.45
N GLN A 232 9.71 18.06 -1.11
CA GLN A 232 10.79 17.11 -1.38
C GLN A 232 10.50 15.75 -0.74
N SER A 233 10.05 15.77 0.51
CA SER A 233 9.72 14.56 1.26
C SER A 233 8.62 13.76 0.59
N ASN A 234 7.61 14.45 0.06
CA ASN A 234 6.51 13.81 -0.63
C ASN A 234 6.83 13.37 -2.06
N LEU A 235 7.80 14.05 -2.68
CA LEU A 235 8.31 13.66 -4.01
C LEU A 235 9.10 12.36 -3.95
N LYS A 236 9.91 12.19 -2.91
CA LYS A 236 10.78 11.04 -2.77
C LYS A 236 10.73 10.44 -1.37
N PRO A 237 9.63 9.73 -1.05
CA PRO A 237 9.47 9.18 0.30
C PRO A 237 10.51 8.13 0.67
N LEU A 238 11.13 7.51 -0.33
CA LEU A 238 12.13 6.46 -0.09
C LEU A 238 13.42 6.99 0.56
N ASP A 239 13.67 8.28 0.43
CA ASP A 239 14.82 8.93 1.08
C ASP A 239 14.61 9.11 2.58
N ILE A 240 13.37 9.00 3.03
CA ILE A 240 13.03 9.14 4.45
C ILE A 240 13.41 7.88 5.22
N ASN A 241 14.14 8.08 6.31
CA ASN A 241 14.79 7.00 7.04
C ASN A 241 13.90 6.35 8.09
N GLU A 242 12.90 7.09 8.56
CA GLU A 242 11.90 6.56 9.47
C GLU A 242 10.91 5.74 8.67
N LYS A 243 10.86 4.44 8.96
CA LYS A 243 10.10 3.48 8.16
C LYS A 243 8.62 3.83 8.07
N THR A 244 7.97 4.00 9.22
CA THR A 244 6.52 4.25 9.25
C THR A 244 6.14 5.56 8.56
N LEU A 245 7.01 6.56 8.65
CA LEU A 245 6.78 7.85 8.00
C LEU A 245 6.91 7.76 6.47
N GLN A 246 7.96 7.06 6.01
CA GLN A 246 8.11 6.76 4.58
C GLN A 246 6.84 6.10 4.05
N GLN A 247 6.34 5.14 4.81
CA GLN A 247 5.17 4.36 4.42
C GLN A 247 3.89 5.20 4.52
N GLY A 248 3.81 6.07 5.53
CA GLY A 248 2.69 6.99 5.69
C GLY A 248 2.53 7.96 4.54
N ILE A 249 3.65 8.50 4.06
CA ILE A 249 3.66 9.37 2.87
C ILE A 249 3.12 8.62 1.64
N GLN A 250 3.57 7.38 1.45
CA GLN A 250 3.10 6.56 0.35
C GLN A 250 1.59 6.32 0.42
N LEU A 251 1.09 6.05 1.62
CA LEU A 251 -0.34 5.80 1.83
C LEU A 251 -1.21 7.04 1.56
N ALA A 252 -0.66 8.22 1.86
CA ALA A 252 -1.37 9.48 1.63
C ALA A 252 -1.56 9.79 0.16
N GLN A 253 -0.68 9.23 -0.68
CA GLN A 253 -0.76 9.40 -2.13
C GLN A 253 -1.45 8.25 -2.87
N SER A 254 -1.94 7.26 -2.13
CA SER A 254 -2.75 6.20 -2.73
C SER A 254 -4.08 6.76 -3.23
N ARG A 255 -4.62 6.14 -4.28
CA ARG A 255 -5.87 6.60 -4.88
C ARG A 255 -7.06 5.80 -4.37
N TYR A 256 -7.86 6.43 -3.52
CA TYR A 256 -8.95 5.75 -2.81
C TYR A 256 -10.29 5.88 -3.51
N TRP A 257 -10.52 7.03 -4.13
CA TRP A 257 -11.78 7.34 -4.81
C TRP A 257 -11.51 8.14 -6.08
N GLN A 258 -12.39 7.99 -7.06
CA GLN A 258 -12.33 8.81 -8.27
C GLN A 258 -13.60 9.63 -8.46
N THR A 259 -13.41 10.91 -8.74
CA THR A 259 -14.48 11.81 -9.19
C THR A 259 -13.98 12.55 -10.43
N GLY A 260 -14.60 12.27 -11.58
CA GLY A 260 -14.16 12.83 -12.85
C GLY A 260 -12.72 12.46 -13.13
N ASP A 261 -11.86 13.48 -13.23
CA ASP A 261 -10.42 13.27 -13.46
C ASP A 261 -9.61 13.28 -12.17
N MET A 262 -10.27 13.48 -11.03
CA MET A 262 -9.54 13.58 -9.76
C MET A 262 -9.61 12.31 -8.91
N TYR A 263 -8.50 12.04 -8.24
CA TYR A 263 -8.38 10.94 -7.30
C TYR A 263 -8.11 11.47 -5.91
N GLN A 264 -8.84 10.95 -4.94
CA GLN A 264 -8.72 11.37 -3.55
C GLN A 264 -7.73 10.51 -2.78
N GLY A 265 -6.69 11.15 -2.23
CA GLY A 265 -5.74 10.51 -1.34
C GLY A 265 -6.04 10.88 0.09
N LEU A 266 -5.07 10.75 0.98
CA LEU A 266 -5.23 11.22 2.36
C LEU A 266 -4.67 12.64 2.44
N GLY A 267 -5.56 13.63 2.35
CA GLY A 267 -5.14 15.02 2.28
C GLY A 267 -4.82 15.42 0.85
N TRP A 268 -3.80 14.80 0.27
CA TRP A 268 -3.45 15.04 -1.12
C TRP A 268 -4.58 14.65 -2.07
N GLU A 269 -4.67 15.38 -3.17
CA GLU A 269 -5.53 15.03 -4.29
C GLU A 269 -4.63 14.88 -5.52
N MET A 270 -5.04 13.99 -6.44
CA MET A 270 -4.19 13.62 -7.56
C MET A 270 -4.94 13.58 -8.89
N LEU A 271 -4.24 13.87 -9.98
CA LEU A 271 -4.73 13.66 -11.33
C LEU A 271 -3.58 13.04 -12.13
N ASP A 272 -3.91 12.27 -13.17
CA ASP A 272 -2.88 11.71 -14.04
C ASP A 272 -2.15 12.78 -14.84
N TRP A 273 -0.82 12.74 -14.81
CA TRP A 273 0.01 13.62 -15.63
C TRP A 273 0.35 12.92 -16.95
N PRO A 274 0.29 13.64 -18.09
CA PRO A 274 -0.03 15.06 -18.29
C PRO A 274 -1.47 15.42 -17.94
N VAL A 275 -1.62 16.54 -17.24
CA VAL A 275 -2.94 17.04 -16.87
C VAL A 275 -3.40 18.15 -17.82
N ASN A 276 -4.65 18.04 -18.24
CA ASN A 276 -5.34 19.13 -18.90
C ASN A 276 -5.56 20.22 -17.85
N PRO A 277 -4.97 21.42 -18.07
CA PRO A 277 -5.04 22.50 -17.08
C PRO A 277 -6.46 22.95 -16.77
N ASP A 278 -7.33 22.89 -17.77
CA ASP A 278 -8.74 23.31 -17.64
C ASP A 278 -9.45 22.73 -16.42
N SER A 279 -9.39 21.41 -16.26
CA SER A 279 -10.12 20.69 -15.20
C SER A 279 -9.95 21.29 -13.81
N ILE A 280 -8.71 21.31 -13.36
CA ILE A 280 -8.33 21.87 -12.05
C ILE A 280 -8.63 23.37 -11.92
N ILE A 281 -8.61 24.09 -13.05
CA ILE A 281 -8.78 25.54 -13.07
C ILE A 281 -10.21 26.02 -13.30
N ASN A 282 -10.99 25.27 -14.09
CA ASN A 282 -12.25 25.79 -14.63
C ASN A 282 -13.50 24.92 -14.49
N GLY A 283 -13.39 23.64 -14.83
CA GLY A 283 -14.55 22.75 -15.00
C GLY A 283 -15.37 22.37 -13.78
N SER A 284 -14.80 21.48 -12.95
CA SER A 284 -15.54 20.89 -11.82
C SER A 284 -14.68 20.88 -10.57
N ASP A 285 -13.36 20.97 -10.76
CA ASP A 285 -12.39 20.79 -9.68
C ASP A 285 -11.73 22.11 -9.24
N ASN A 286 -12.35 23.24 -9.58
CA ASN A 286 -11.74 24.56 -9.32
C ASN A 286 -12.06 25.21 -7.97
N LYS A 287 -13.05 24.65 -7.26
CA LYS A 287 -13.34 24.94 -5.84
C LYS A 287 -13.95 26.32 -5.51
N ILE A 288 -14.72 26.90 -6.44
CA ILE A 288 -15.44 28.16 -6.15
C ILE A 288 -16.85 27.87 -5.62
N ALA A 289 -17.43 26.76 -6.05
CA ALA A 289 -18.67 26.27 -5.48
C ALA A 289 -18.37 25.30 -4.33
N LEU A 290 -19.41 24.94 -3.57
CA LEU A 290 -19.34 23.74 -2.74
C LEU A 290 -20.11 22.65 -3.46
N ALA A 291 -19.40 21.59 -3.82
CA ALA A 291 -19.91 20.57 -4.72
C ALA A 291 -19.99 19.19 -4.09
N ALA A 292 -21.19 18.61 -4.10
CA ALA A 292 -21.37 17.21 -3.79
C ALA A 292 -21.15 16.43 -5.08
N ARG A 293 -20.25 15.45 -5.06
CA ARG A 293 -19.90 14.68 -6.25
C ARG A 293 -19.93 13.18 -5.99
N PRO A 294 -20.67 12.41 -6.82
CA PRO A 294 -20.61 10.95 -6.66
C PRO A 294 -19.19 10.44 -6.86
N VAL A 295 -18.77 9.46 -6.06
CA VAL A 295 -17.44 8.86 -6.19
C VAL A 295 -17.51 7.39 -6.60
N LYS A 296 -16.48 6.96 -7.33
CA LYS A 296 -16.26 5.56 -7.64
C LYS A 296 -15.15 5.05 -6.73
N ALA A 297 -15.43 3.98 -6.00
CA ALA A 297 -14.43 3.34 -5.14
C ALA A 297 -13.33 2.73 -5.99
N ILE A 298 -12.08 2.91 -5.58
CA ILE A 298 -10.96 2.26 -6.22
C ILE A 298 -10.62 1.05 -5.36
N THR A 299 -10.99 -0.13 -5.85
CA THR A 299 -10.99 -1.34 -5.04
C THR A 299 -10.05 -2.39 -5.61
N PRO A 300 -8.86 -2.57 -5.00
CA PRO A 300 -8.31 -1.83 -3.87
C PRO A 300 -7.63 -0.54 -4.31
N PRO A 301 -7.27 0.35 -3.37
CA PRO A 301 -6.62 1.62 -3.74
C PRO A 301 -5.32 1.44 -4.52
N THR A 302 -5.16 2.26 -5.56
CA THR A 302 -3.96 2.23 -6.39
C THR A 302 -2.80 2.88 -5.64
N PRO A 303 -1.67 2.17 -5.52
CA PRO A 303 -0.53 2.80 -4.84
C PRO A 303 -0.09 4.06 -5.57
N ALA A 304 0.59 4.94 -4.85
CA ALA A 304 1.06 6.22 -5.39
C ALA A 304 1.55 6.12 -6.84
N VAL A 305 0.89 6.83 -7.73
CA VAL A 305 1.27 6.87 -9.15
C VAL A 305 2.28 8.00 -9.39
N ARG A 306 3.46 7.63 -9.90
CA ARG A 306 4.55 8.58 -10.14
C ARG A 306 4.17 9.67 -11.15
N ALA A 307 3.50 9.28 -12.23
CA ALA A 307 3.04 10.21 -13.26
C ALA A 307 1.74 10.89 -12.84
N SER A 308 1.80 11.62 -11.73
CA SER A 308 0.64 12.33 -11.20
C SER A 308 0.93 13.79 -10.97
N TRP A 309 -0.11 14.61 -11.12
CA TRP A 309 -0.12 15.96 -10.58
C TRP A 309 -0.74 15.81 -9.20
N VAL A 310 0.08 15.95 -8.17
CA VAL A 310 -0.36 15.82 -6.79
C VAL A 310 -0.41 17.23 -6.21
N HIS A 311 -1.54 17.60 -5.63
CA HIS A 311 -1.71 18.97 -5.19
C HIS A 311 -2.69 19.14 -4.02
N LYS A 312 -2.63 20.32 -3.40
CA LYS A 312 -3.61 20.74 -2.41
C LYS A 312 -3.65 22.26 -2.37
N THR A 313 -4.86 22.79 -2.39
CA THR A 313 -5.08 24.22 -2.19
C THR A 313 -5.39 24.46 -0.71
N GLY A 314 -5.12 25.67 -0.23
CA GLY A 314 -5.38 25.99 1.17
C GLY A 314 -5.71 27.45 1.36
N ALA A 315 -6.65 27.73 2.24
CA ALA A 315 -6.99 29.12 2.56
C ALA A 315 -7.42 29.29 4.01
N THR A 316 -7.10 30.46 4.55
CA THR A 316 -7.76 30.99 5.74
C THR A 316 -8.31 32.34 5.32
N GLY A 317 -9.01 33.02 6.23
CA GLY A 317 -9.58 34.34 5.94
C GLY A 317 -8.59 35.30 5.30
N GLY A 318 -7.33 35.19 5.72
CA GLY A 318 -6.29 36.11 5.27
C GLY A 318 -5.15 35.53 4.47
N PHE A 319 -5.17 34.23 4.18
CA PHE A 319 -4.05 33.58 3.50
C PHE A 319 -4.51 32.67 2.37
N GLY A 320 -3.68 32.55 1.34
CA GLY A 320 -3.94 31.64 0.23
C GLY A 320 -2.68 30.86 -0.11
N SER A 321 -2.76 29.54 -0.03
CA SER A 321 -1.61 28.68 -0.28
C SER A 321 -1.91 27.65 -1.35
N TYR A 322 -0.85 27.15 -1.97
CA TYR A 322 -0.98 26.11 -2.98
C TYR A 322 0.30 25.31 -3.09
N VAL A 323 0.16 24.00 -3.18
CA VAL A 323 1.27 23.09 -3.34
C VAL A 323 0.93 22.11 -4.44
N ALA A 324 1.86 21.90 -5.38
CA ALA A 324 1.69 20.90 -6.42
C ALA A 324 3.03 20.27 -6.75
N PHE A 325 3.01 18.98 -7.08
CA PHE A 325 4.23 18.31 -7.52
C PHE A 325 3.98 17.14 -8.45
N ILE A 326 5.01 16.81 -9.23
CA ILE A 326 4.95 15.69 -10.18
C ILE A 326 6.12 14.76 -9.87
N PRO A 327 5.85 13.68 -9.11
CA PRO A 327 6.87 12.73 -8.65
C PRO A 327 7.81 12.22 -9.75
N GLU A 328 7.27 11.85 -10.91
CA GLU A 328 8.07 11.27 -11.99
C GLU A 328 9.09 12.27 -12.55
N LYS A 329 8.80 13.56 -12.41
CA LYS A 329 9.64 14.62 -12.94
C LYS A 329 10.53 15.27 -11.89
N GLU A 330 10.41 14.84 -10.64
CA GLU A 330 11.18 15.40 -9.51
C GLU A 330 10.94 16.92 -9.43
N LEU A 331 9.70 17.32 -9.66
CA LEU A 331 9.35 18.72 -9.90
C LEU A 331 8.20 19.14 -8.99
N GLY A 332 8.32 20.33 -8.40
CA GLY A 332 7.30 20.83 -7.49
C GLY A 332 7.30 22.32 -7.29
N ILE A 333 6.21 22.82 -6.71
CA ILE A 333 6.06 24.23 -6.44
C ILE A 333 5.25 24.44 -5.16
N VAL A 334 5.62 25.49 -4.42
CA VAL A 334 4.87 25.96 -3.27
C VAL A 334 4.65 27.45 -3.46
N MET A 335 3.41 27.88 -3.30
CA MET A 335 3.04 29.28 -3.40
C MET A 335 2.31 29.69 -2.13
N LEU A 336 2.92 30.59 -1.36
CA LEU A 336 2.34 31.05 -0.09
C LEU A 336 2.11 32.55 -0.14
N ALA A 337 0.85 32.96 0.07
CA ALA A 337 0.48 34.37 0.02
C ALA A 337 -0.33 34.78 1.25
N ASN A 338 -0.17 36.02 1.70
CA ASN A 338 -0.99 36.54 2.78
C ASN A 338 -2.22 37.33 2.30
N LYS A 339 -2.85 36.79 1.27
CA LYS A 339 -4.20 37.17 0.87
C LYS A 339 -4.89 35.92 0.32
N ASN A 340 -6.15 35.74 0.69
CA ASN A 340 -6.99 34.71 0.09
C ASN A 340 -7.47 35.17 -1.30
N TYR A 341 -6.79 34.67 -2.33
CA TYR A 341 -7.13 35.00 -3.72
C TYR A 341 -7.59 33.74 -4.47
N PRO A 342 -8.36 33.90 -5.55
CA PRO A 342 -9.06 32.76 -6.16
C PRO A 342 -8.15 31.58 -6.53
N ASN A 343 -8.65 30.38 -6.21
CA ASN A 343 -7.96 29.13 -6.51
C ASN A 343 -7.51 28.94 -7.97
N PRO A 344 -8.39 29.25 -8.96
CA PRO A 344 -8.00 29.09 -10.36
C PRO A 344 -6.73 29.85 -10.74
N ALA A 345 -6.53 31.03 -10.16
CA ALA A 345 -5.32 31.83 -10.38
C ALA A 345 -4.06 31.13 -9.87
N ARG A 346 -4.19 30.48 -8.71
CA ARG A 346 -3.11 29.68 -8.13
C ARG A 346 -2.72 28.53 -9.06
N VAL A 347 -3.72 27.75 -9.46
CA VAL A 347 -3.49 26.58 -10.31
C VAL A 347 -2.89 26.97 -11.66
N ASP A 348 -3.41 28.04 -12.26
CA ASP A 348 -2.92 28.57 -13.53
C ASP A 348 -1.43 28.89 -13.46
N ALA A 349 -1.04 29.67 -12.44
CA ALA A 349 0.35 30.08 -12.23
C ALA A 349 1.26 28.88 -12.01
N ALA A 350 0.82 27.94 -11.16
CA ALA A 350 1.57 26.73 -10.87
C ALA A 350 1.78 25.89 -12.13
N TRP A 351 0.71 25.70 -12.92
CA TRP A 351 0.81 24.96 -14.17
C TRP A 351 1.79 25.65 -15.13
N GLN A 352 1.61 26.96 -15.29
CA GLN A 352 2.44 27.77 -16.18
C GLN A 352 3.93 27.55 -15.85
N ILE A 353 4.25 27.55 -14.55
CA ILE A 353 5.63 27.36 -14.10
C ILE A 353 6.13 25.92 -14.28
N LEU A 354 5.38 24.94 -13.80
CA LEU A 354 5.81 23.54 -13.87
C LEU A 354 5.85 23.02 -15.31
N ASN A 355 4.85 23.40 -16.12
CA ASN A 355 4.85 23.01 -17.53
C ASN A 355 6.09 23.48 -18.28
N ALA A 356 6.51 24.71 -18.02
CA ALA A 356 7.71 25.28 -18.66
C ALA A 356 8.99 24.55 -18.27
N LEU A 357 9.01 24.01 -17.05
CA LEU A 357 10.22 23.38 -16.51
C LEU A 357 10.26 21.86 -16.71
N GLN A 358 9.11 21.25 -16.99
CA GLN A 358 9.06 19.80 -17.18
C GLN A 358 9.63 19.38 -18.53
N ALA B 1 24.96 -24.69 13.93
CA ALA B 1 23.78 -23.88 14.37
C ALA B 1 23.72 -23.79 15.89
N PRO B 2 23.06 -22.73 16.42
CA PRO B 2 22.84 -22.72 17.87
C PRO B 2 22.16 -24.01 18.33
N GLN B 3 22.56 -24.48 19.51
CA GLN B 3 22.08 -25.75 20.06
C GLN B 3 20.56 -25.84 20.11
N GLN B 4 19.89 -24.75 20.49
CA GLN B 4 18.43 -24.78 20.57
C GLN B 4 17.76 -25.05 19.22
N ILE B 5 18.38 -24.58 18.13
CA ILE B 5 17.86 -24.83 16.78
C ILE B 5 18.07 -26.30 16.36
N ASN B 6 19.30 -26.79 16.49
CA ASN B 6 19.62 -28.19 16.19
C ASN B 6 18.72 -29.15 16.94
N ASP B 7 18.52 -28.88 18.23
CA ASP B 7 17.72 -29.74 19.10
C ASP B 7 16.26 -29.84 18.65
N ILE B 8 15.59 -28.71 18.50
CA ILE B 8 14.18 -28.72 18.11
C ILE B 8 13.95 -29.27 16.70
N VAL B 9 14.86 -28.97 15.77
CA VAL B 9 14.75 -29.47 14.41
C VAL B 9 14.88 -31.00 14.37
N HIS B 10 15.93 -31.51 15.02
CA HIS B 10 16.18 -32.96 15.10
C HIS B 10 15.02 -33.70 15.79
N ARG B 11 14.52 -33.13 16.88
CA ARG B 11 13.40 -33.71 17.61
C ARG B 11 12.07 -33.68 16.84
N THR B 12 11.94 -32.72 15.92
CA THR B 12 10.67 -32.53 15.21
C THR B 12 10.67 -33.13 13.80
N ILE B 13 11.67 -32.76 12.99
CA ILE B 13 11.71 -33.18 11.58
C ILE B 13 12.16 -34.63 11.41
N THR B 14 13.19 -35.04 12.15
CA THR B 14 13.70 -36.40 11.98
C THR B 14 12.62 -37.49 12.20
N PRO B 15 11.85 -37.43 13.31
CA PRO B 15 10.69 -38.32 13.48
C PRO B 15 9.58 -38.15 12.43
N LEU B 16 9.31 -36.92 12.01
CA LEU B 16 8.35 -36.65 10.93
C LEU B 16 8.68 -37.44 9.67
N ILE B 17 9.95 -37.40 9.28
CA ILE B 17 10.45 -38.13 8.13
C ILE B 17 10.20 -39.64 8.26
N GLU B 18 10.47 -40.17 9.45
CA GLU B 18 10.21 -41.59 9.73
C GLU B 18 8.72 -41.90 9.64
N GLN B 19 7.91 -41.07 10.29
CA GLN B 19 6.44 -41.25 10.34
C GLN B 19 5.78 -41.18 8.97
N GLN B 20 6.28 -40.29 8.11
CA GLN B 20 5.69 -40.04 6.80
C GLN B 20 6.35 -40.79 5.66
N LYS B 21 7.45 -41.50 5.96
CA LYS B 21 8.22 -42.24 4.97
C LYS B 21 8.72 -41.30 3.86
N ILE B 22 9.32 -40.18 4.27
CA ILE B 22 9.87 -39.19 3.34
C ILE B 22 11.27 -39.62 2.88
N PRO B 23 11.46 -39.81 1.55
CA PRO B 23 12.76 -40.22 1.02
C PRO B 23 13.89 -39.22 1.26
N GLY B 24 13.60 -37.93 1.04
CA GLY B 24 14.61 -36.88 1.22
C GLY B 24 13.95 -35.58 1.64
N MET B 25 14.67 -34.79 2.44
CA MET B 25 14.14 -33.56 2.99
C MET B 25 15.26 -32.55 3.24
N ALA B 26 14.96 -31.28 2.94
CA ALA B 26 15.80 -30.18 3.35
C ALA B 26 14.96 -29.16 4.10
N VAL B 27 15.55 -28.59 5.14
CA VAL B 27 14.88 -27.62 5.99
C VAL B 27 15.84 -26.45 6.18
N ALA B 28 15.31 -25.23 6.10
CA ALA B 28 16.05 -24.04 6.50
C ALA B 28 15.29 -23.39 7.64
N VAL B 29 16.03 -23.00 8.68
CA VAL B 29 15.45 -22.18 9.75
C VAL B 29 16.12 -20.83 9.70
N ILE B 30 15.30 -19.79 9.60
CA ILE B 30 15.81 -18.43 9.62
C ILE B 30 15.63 -17.93 11.06
N TYR B 31 16.75 -17.66 11.72
CA TYR B 31 16.74 -17.25 13.12
C TYR B 31 17.55 -15.98 13.29
N GLN B 32 16.91 -14.96 13.88
CA GLN B 32 17.45 -13.60 13.92
C GLN B 32 17.97 -13.18 12.55
N GLY B 33 17.19 -13.53 11.52
CA GLY B 33 17.51 -13.19 10.15
C GLY B 33 18.57 -14.04 9.46
N LYS B 34 19.23 -14.94 10.20
CA LYS B 34 20.28 -15.79 9.61
C LYS B 34 19.78 -17.23 9.39
N PRO B 35 20.19 -17.84 8.27
CA PRO B 35 19.77 -19.18 7.84
C PRO B 35 20.62 -20.33 8.38
N TYR B 36 19.94 -21.43 8.69
CA TYR B 36 20.58 -22.65 9.14
C TYR B 36 19.92 -23.81 8.41
N TYR B 37 20.75 -24.71 7.88
CA TYR B 37 20.28 -25.75 6.98
C TYR B 37 20.43 -27.14 7.56
N PHE B 38 19.50 -28.02 7.18
CA PHE B 38 19.44 -29.38 7.67
C PHE B 38 19.00 -30.24 6.50
N THR B 39 19.65 -31.38 6.31
CA THR B 39 19.30 -32.29 5.21
C THR B 39 19.23 -33.74 5.69
N TRP B 40 18.38 -34.52 5.02
CA TRP B 40 18.17 -35.93 5.31
C TRP B 40 17.95 -36.67 4.00
N GLY B 41 18.41 -37.90 3.95
CA GLY B 41 17.98 -38.84 2.91
C GLY B 41 18.39 -38.52 1.49
N TYR B 42 17.59 -39.00 0.55
CA TYR B 42 17.95 -39.00 -0.87
C TYR B 42 17.09 -38.10 -1.75
N ALA B 43 17.76 -37.38 -2.65
CA ALA B 43 17.11 -36.70 -3.77
C ALA B 43 16.69 -37.72 -4.83
N ASP B 44 17.55 -38.73 -5.02
CA ASP B 44 17.34 -39.79 -5.99
C ASP B 44 17.63 -41.12 -5.29
N ILE B 45 16.58 -41.91 -5.05
CA ILE B 45 16.69 -43.14 -4.27
C ILE B 45 17.56 -44.19 -4.95
N ALA B 46 17.26 -44.47 -6.22
CA ALA B 46 17.97 -45.49 -6.99
C ALA B 46 19.45 -45.16 -7.14
N LYS B 47 19.74 -43.88 -7.39
CA LYS B 47 21.13 -43.42 -7.54
C LYS B 47 21.81 -43.17 -6.20
N LYS B 48 21.03 -43.21 -5.12
CA LYS B 48 21.52 -42.84 -3.79
C LYS B 48 22.23 -41.49 -3.79
N GLN B 49 21.65 -40.52 -4.49
CA GLN B 49 22.15 -39.16 -4.44
C GLN B 49 21.50 -38.45 -3.25
N PRO B 50 22.34 -37.94 -2.33
CA PRO B 50 21.81 -37.31 -1.14
C PRO B 50 21.22 -35.94 -1.44
N VAL B 51 20.25 -35.52 -0.61
CA VAL B 51 19.80 -34.15 -0.58
C VAL B 51 20.95 -33.26 -0.11
N THR B 52 21.19 -32.18 -0.84
CA THR B 52 22.20 -31.19 -0.47
C THR B 52 21.58 -29.81 -0.49
N GLN B 53 22.42 -28.80 -0.25
CA GLN B 53 22.02 -27.40 -0.39
C GLN B 53 21.70 -27.03 -1.83
N GLN B 54 22.21 -27.84 -2.76
CA GLN B 54 22.06 -27.59 -4.19
C GLN B 54 20.81 -28.25 -4.78
N THR B 55 20.17 -29.15 -4.02
CA THR B 55 19.06 -29.96 -4.54
C THR B 55 17.82 -29.10 -4.83
N LEU B 56 17.32 -29.19 -6.06
CA LEU B 56 16.07 -28.53 -6.45
C LEU B 56 14.86 -29.40 -6.12
N PHE B 57 13.88 -28.82 -5.43
CA PHE B 57 12.59 -29.45 -5.13
C PHE B 57 11.48 -28.72 -5.88
N GLU B 58 10.41 -29.43 -6.24
CA GLU B 58 9.22 -28.79 -6.78
C GLU B 58 8.46 -28.12 -5.65
N LEU B 59 8.23 -26.82 -5.78
CA LEU B 59 7.57 -26.06 -4.73
C LEU B 59 6.06 -26.28 -4.72
N GLY B 60 5.50 -26.69 -5.85
CA GLY B 60 4.06 -26.79 -6.00
C GLY B 60 3.47 -25.42 -5.76
N SER B 61 2.41 -25.36 -4.95
CA SER B 61 1.66 -24.11 -4.74
C SER B 61 2.40 -23.00 -3.96
N VAL B 62 3.55 -23.30 -3.38
CA VAL B 62 4.41 -22.25 -2.79
C VAL B 62 4.85 -21.27 -3.90
N SER B 63 4.79 -21.75 -5.14
CA SER B 63 5.00 -20.92 -6.34
C SER B 63 4.08 -19.70 -6.39
N LYS B 64 2.86 -19.84 -5.84
CA LYS B 64 1.88 -18.75 -5.83
C LYS B 64 2.39 -17.52 -5.08
N THR B 65 3.33 -17.74 -4.16
CA THR B 65 3.95 -16.62 -3.44
C THR B 65 4.86 -15.81 -4.36
N PHE B 66 5.54 -16.49 -5.28
CA PHE B 66 6.32 -15.82 -6.32
C PHE B 66 5.41 -15.10 -7.30
N THR B 67 4.31 -15.75 -7.69
CA THR B 67 3.31 -15.15 -8.58
C THR B 67 2.70 -13.89 -7.94
N GLY B 68 2.38 -13.98 -6.65
CA GLY B 68 1.85 -12.84 -5.89
C GLY B 68 2.81 -11.66 -5.86
N VAL B 69 4.09 -11.95 -5.60
CA VAL B 69 5.12 -10.91 -5.53
C VAL B 69 5.40 -10.28 -6.90
N LEU B 70 5.43 -11.12 -7.94
CA LEU B 70 5.60 -10.62 -9.31
C LEU B 70 4.44 -9.67 -9.68
N GLY B 71 3.23 -10.07 -9.32
CA GLY B 71 2.04 -9.24 -9.52
C GLY B 71 2.18 -7.93 -8.77
N GLY B 72 2.63 -8.04 -7.51
CA GLY B 72 2.89 -6.87 -6.67
C GLY B 72 3.89 -5.92 -7.29
N ASP B 73 4.94 -6.50 -7.87
CA ASP B 73 6.00 -5.74 -8.54
C ASP B 73 5.45 -4.97 -9.76
N ALA B 74 4.55 -5.62 -10.51
CA ALA B 74 3.92 -5.00 -11.68
C ALA B 74 2.99 -3.85 -11.31
N ILE B 75 2.30 -3.98 -10.17
CA ILE B 75 1.47 -2.89 -9.63
C ILE B 75 2.36 -1.70 -9.29
N ALA B 76 3.47 -2.00 -8.60
CA ALA B 76 4.46 -0.99 -8.21
C ALA B 76 5.05 -0.27 -9.42
N ARG B 77 5.26 -1.02 -10.50
CA ARG B 77 5.76 -0.48 -11.75
C ARG B 77 4.71 0.36 -12.49
N GLY B 78 3.48 0.36 -11.97
CA GLY B 78 2.37 1.06 -12.61
C GLY B 78 1.88 0.42 -13.89
N GLU B 79 2.21 -0.86 -14.08
CA GLU B 79 1.82 -1.61 -15.27
C GLU B 79 0.40 -2.16 -15.18
N ILE B 80 0.01 -2.54 -13.96
CA ILE B 80 -1.34 -3.03 -13.69
C ILE B 80 -1.90 -2.42 -12.41
N LYS B 81 -3.23 -2.50 -12.27
CA LYS B 81 -3.91 -2.15 -11.04
C LYS B 81 -4.83 -3.31 -10.67
N LEU B 82 -4.88 -3.66 -9.38
CA LEU B 82 -5.74 -4.75 -8.93
C LEU B 82 -7.23 -4.41 -9.07
N SER B 83 -7.52 -3.12 -9.21
CA SER B 83 -8.89 -2.65 -9.40
C SER B 83 -9.36 -2.78 -10.84
N ASP B 84 -8.44 -3.08 -11.74
CA ASP B 84 -8.74 -3.18 -13.17
C ASP B 84 -9.49 -4.46 -13.53
N PRO B 85 -10.47 -4.35 -14.45
CA PRO B 85 -11.20 -5.52 -14.93
C PRO B 85 -10.25 -6.51 -15.58
N THR B 86 -10.57 -7.79 -15.48
CA THR B 86 -9.83 -8.87 -16.12
C THR B 86 -9.71 -8.59 -17.63
N THR B 87 -10.79 -8.08 -18.20
CA THR B 87 -10.90 -7.81 -19.64
C THR B 87 -9.94 -6.74 -20.20
N LYS B 88 -9.46 -5.85 -19.34
CA LYS B 88 -8.50 -4.82 -19.76
C LYS B 88 -7.22 -5.45 -20.32
N TYR B 89 -6.77 -6.54 -19.70
CA TYR B 89 -5.52 -7.18 -20.09
C TYR B 89 -5.74 -8.43 -20.94
N TRP B 90 -7.00 -8.79 -21.12
CA TRP B 90 -7.38 -9.87 -22.03
C TRP B 90 -8.62 -9.46 -22.83
N PRO B 91 -8.45 -8.54 -23.81
CA PRO B 91 -9.61 -7.94 -24.49
C PRO B 91 -10.51 -8.97 -25.18
N GLU B 92 -9.96 -10.14 -25.51
CA GLU B 92 -10.69 -11.22 -26.16
C GLU B 92 -11.68 -11.91 -25.21
N LEU B 93 -11.50 -11.70 -23.91
CA LEU B 93 -12.40 -12.25 -22.89
C LEU B 93 -13.64 -11.37 -22.71
N THR B 94 -14.61 -11.56 -23.61
CA THR B 94 -15.73 -10.65 -23.77
C THR B 94 -17.05 -11.10 -23.12
N ALA B 95 -17.11 -12.36 -22.69
CA ALA B 95 -18.34 -12.92 -22.13
C ALA B 95 -18.82 -12.11 -20.92
N LYS B 96 -20.15 -11.92 -20.84
CA LYS B 96 -20.76 -11.01 -19.87
C LYS B 96 -20.37 -11.29 -18.42
N GLN B 97 -20.33 -12.57 -18.04
CA GLN B 97 -20.10 -12.96 -16.65
C GLN B 97 -18.79 -12.40 -16.08
N TRP B 98 -17.90 -11.94 -16.97
CA TRP B 98 -16.61 -11.41 -16.57
C TRP B 98 -16.65 -9.92 -16.22
N ASN B 99 -17.79 -9.28 -16.51
CA ASN B 99 -18.02 -7.90 -16.07
C ASN B 99 -18.03 -7.83 -14.55
N GLY B 100 -17.13 -7.02 -14.00
CA GLY B 100 -17.04 -6.84 -12.56
C GLY B 100 -16.03 -7.76 -11.89
N ILE B 101 -15.40 -8.63 -12.69
CA ILE B 101 -14.33 -9.49 -12.19
C ILE B 101 -12.98 -8.84 -12.45
N THR B 102 -12.29 -8.48 -11.38
CA THR B 102 -11.06 -7.69 -11.46
C THR B 102 -9.85 -8.56 -11.22
N LEU B 103 -8.66 -8.00 -11.42
CA LEU B 103 -7.42 -8.71 -11.13
C LEU B 103 -7.32 -9.08 -9.65
N LEU B 104 -7.85 -8.23 -8.76
CA LEU B 104 -7.89 -8.58 -7.34
C LEU B 104 -8.62 -9.91 -7.12
N HIS B 105 -9.79 -10.06 -7.74
CA HIS B 105 -10.59 -11.28 -7.62
C HIS B 105 -9.79 -12.52 -8.05
N LEU B 106 -9.13 -12.43 -9.20
CA LEU B 106 -8.29 -13.52 -9.72
C LEU B 106 -7.16 -13.89 -8.76
N ALA B 107 -6.43 -12.89 -8.28
CA ALA B 107 -5.26 -13.08 -7.43
C ALA B 107 -5.59 -13.70 -6.07
N THR B 108 -6.79 -13.42 -5.57
CA THR B 108 -7.19 -13.79 -4.22
C THR B 108 -8.29 -14.87 -4.18
N TYR B 109 -8.54 -15.51 -5.32
CA TYR B 109 -9.49 -16.63 -5.43
C TYR B 109 -10.95 -16.23 -5.15
N THR B 110 -11.30 -14.97 -5.43
CA THR B 110 -12.62 -14.44 -5.08
C THR B 110 -13.48 -14.03 -6.30
N ALA B 111 -13.15 -14.58 -7.47
CA ALA B 111 -13.87 -14.27 -8.71
C ALA B 111 -15.30 -14.84 -8.73
N GLY B 112 -15.53 -15.88 -7.92
CA GLY B 112 -16.86 -16.47 -7.80
C GLY B 112 -16.93 -17.93 -8.16
N GLY B 113 -15.88 -18.68 -7.80
CA GLY B 113 -15.88 -20.12 -7.98
C GLY B 113 -15.19 -20.66 -9.20
N LEU B 114 -14.15 -19.96 -9.67
CA LEU B 114 -13.23 -20.54 -10.65
C LEU B 114 -12.68 -21.84 -10.04
N PRO B 115 -12.58 -22.91 -10.86
CA PRO B 115 -12.30 -24.25 -10.30
C PRO B 115 -10.88 -24.45 -9.80
N LEU B 116 -10.73 -25.34 -8.83
CA LEU B 116 -9.44 -25.68 -8.25
C LEU B 116 -8.38 -25.95 -9.33
N GLN B 117 -8.72 -26.78 -10.31
CA GLN B 117 -7.83 -27.07 -11.43
C GLN B 117 -8.42 -26.61 -12.74
N VAL B 118 -7.56 -26.17 -13.65
CA VAL B 118 -7.92 -26.04 -15.06
C VAL B 118 -8.07 -27.49 -15.56
N PRO B 119 -9.19 -27.80 -16.25
CA PRO B 119 -9.38 -29.15 -16.77
C PRO B 119 -8.17 -29.69 -17.53
N ASP B 120 -7.91 -30.98 -17.35
CA ASP B 120 -6.74 -31.69 -17.87
C ASP B 120 -6.49 -31.44 -19.36
N GLU B 121 -7.57 -31.40 -20.13
CA GLU B 121 -7.53 -31.33 -21.59
C GLU B 121 -7.25 -29.94 -22.15
N VAL B 122 -7.38 -28.92 -21.31
CA VAL B 122 -7.08 -27.55 -21.71
C VAL B 122 -5.57 -27.39 -21.83
N LYS B 123 -5.10 -27.06 -23.03
CA LYS B 123 -3.67 -26.92 -23.29
C LYS B 123 -3.32 -25.57 -23.89
N SER B 124 -3.87 -25.30 -25.07
CA SER B 124 -3.46 -24.17 -25.89
C SER B 124 -4.10 -22.85 -25.44
N SER B 125 -3.62 -21.75 -26.01
CA SER B 125 -4.19 -20.43 -25.76
C SER B 125 -5.67 -20.40 -26.15
N SER B 126 -6.00 -21.09 -27.23
CA SER B 126 -7.37 -21.16 -27.72
C SER B 126 -8.26 -21.98 -26.78
N ASP B 127 -7.74 -23.12 -26.29
CA ASP B 127 -8.40 -23.94 -25.27
C ASP B 127 -8.67 -23.10 -24.04
N LEU B 128 -7.68 -22.31 -23.63
CA LEU B 128 -7.77 -21.47 -22.45
C LEU B 128 -8.86 -20.42 -22.59
N LEU B 129 -8.89 -19.70 -23.72
CA LEU B 129 -9.93 -18.70 -23.96
C LEU B 129 -11.32 -19.32 -23.89
N ARG B 130 -11.52 -20.46 -24.54
N ARG B 130 -11.49 -20.47 -24.55
CA ARG B 130 -12.81 -21.14 -24.53
CA ARG B 130 -12.77 -21.19 -24.55
C ARG B 130 -13.22 -21.54 -23.11
C ARG B 130 -13.21 -21.56 -23.14
N PHE B 131 -12.28 -22.10 -22.35
CA PHE B 131 -12.53 -22.43 -20.95
C PHE B 131 -13.07 -21.25 -20.14
N TYR B 132 -12.34 -20.13 -20.15
CA TYR B 132 -12.76 -18.96 -19.38
C TYR B 132 -14.01 -18.28 -19.95
N GLN B 133 -14.15 -18.25 -21.27
CA GLN B 133 -15.35 -17.71 -21.91
C GLN B 133 -16.60 -18.49 -21.54
N ASN B 134 -16.45 -19.81 -21.38
CA ASN B 134 -17.57 -20.70 -21.04
C ASN B 134 -17.83 -20.86 -19.54
N TRP B 135 -16.90 -20.43 -18.71
CA TRP B 135 -17.03 -20.59 -17.26
C TRP B 135 -18.19 -19.75 -16.71
N GLN B 136 -19.07 -20.41 -15.96
CA GLN B 136 -20.18 -19.74 -15.29
C GLN B 136 -19.98 -19.77 -13.78
N PRO B 137 -20.06 -18.59 -13.13
CA PRO B 137 -19.78 -18.48 -11.70
C PRO B 137 -20.78 -19.16 -10.77
N ALA B 138 -20.29 -19.58 -9.60
CA ALA B 138 -21.12 -20.15 -8.55
C ALA B 138 -21.66 -19.07 -7.61
N TRP B 139 -20.95 -17.94 -7.55
CA TRP B 139 -21.29 -16.82 -6.67
C TRP B 139 -20.90 -15.51 -7.34
N ALA B 140 -21.43 -14.39 -6.84
CA ALA B 140 -21.06 -13.07 -7.33
C ALA B 140 -19.59 -12.78 -6.99
N PRO B 141 -18.94 -11.88 -7.75
CA PRO B 141 -17.53 -11.55 -7.46
C PRO B 141 -17.38 -10.94 -6.07
N GLY B 142 -16.26 -11.25 -5.41
CA GLY B 142 -15.92 -10.67 -4.11
C GLY B 142 -16.82 -11.07 -2.95
N THR B 143 -17.37 -12.28 -3.01
CA THR B 143 -18.25 -12.80 -1.96
C THR B 143 -17.71 -14.06 -1.29
N GLN B 144 -17.06 -14.92 -2.06
CA GLN B 144 -16.58 -16.21 -1.57
C GLN B 144 -15.16 -16.49 -2.04
N ARG B 145 -14.34 -17.04 -1.15
CA ARG B 145 -12.98 -17.47 -1.48
C ARG B 145 -13.01 -18.96 -1.76
N LEU B 146 -12.58 -19.34 -2.96
CA LEU B 146 -12.41 -20.75 -3.29
C LEU B 146 -11.02 -20.92 -3.89
N TYR B 147 -10.11 -21.49 -3.10
CA TYR B 147 -8.73 -21.70 -3.53
C TYR B 147 -8.70 -22.37 -4.90
N ALA B 148 -7.95 -21.78 -5.82
CA ALA B 148 -8.02 -22.19 -7.22
C ALA B 148 -6.79 -21.85 -8.05
N ASN B 149 -6.21 -22.87 -8.67
CA ASN B 149 -5.12 -22.68 -9.62
C ASN B 149 -5.56 -21.89 -10.85
N SER B 150 -6.81 -22.11 -11.29
CA SER B 150 -7.37 -21.40 -12.44
C SER B 150 -7.62 -19.91 -12.16
N SER B 151 -7.65 -19.53 -10.88
CA SER B 151 -7.85 -18.14 -10.49
C SER B 151 -6.52 -17.37 -10.52
N ILE B 152 -5.63 -17.69 -9.58
CA ILE B 152 -4.32 -17.02 -9.49
C ILE B 152 -3.42 -17.33 -10.69
N GLY B 153 -3.61 -18.49 -11.31
CA GLY B 153 -2.88 -18.84 -12.54
C GLY B 153 -3.13 -17.82 -13.62
N LEU B 154 -4.40 -17.48 -13.82
CA LEU B 154 -4.78 -16.45 -14.79
C LEU B 154 -4.28 -15.08 -14.36
N PHE B 155 -4.33 -14.78 -13.06
CA PHE B 155 -3.76 -13.54 -12.57
C PHE B 155 -2.31 -13.35 -13.02
N GLY B 156 -1.48 -14.37 -12.76
CA GLY B 156 -0.06 -14.34 -13.14
C GLY B 156 0.15 -14.12 -14.62
N ALA B 157 -0.65 -14.79 -15.45
CA ALA B 157 -0.53 -14.65 -16.89
C ALA B 157 -0.88 -13.24 -17.37
N LEU B 158 -1.90 -12.64 -16.78
CA LEU B 158 -2.35 -11.31 -17.18
C LEU B 158 -1.48 -10.20 -16.60
N ALA B 159 -0.93 -10.44 -15.41
CA ALA B 159 -0.14 -9.42 -14.70
C ALA B 159 1.10 -8.99 -15.48
N VAL B 160 1.64 -9.91 -16.29
CA VAL B 160 2.86 -9.66 -17.05
C VAL B 160 2.62 -9.16 -18.47
N LYS B 161 1.36 -9.07 -18.87
CA LYS B 161 1.02 -8.66 -20.24
C LYS B 161 1.49 -7.25 -20.63
N PRO B 162 1.25 -6.23 -19.78
CA PRO B 162 1.79 -4.90 -20.10
C PRO B 162 3.31 -4.85 -20.31
N SER B 163 4.07 -5.66 -19.57
CA SER B 163 5.54 -5.72 -19.70
C SER B 163 6.00 -6.24 -21.06
N GLY B 164 5.14 -7.00 -21.73
CA GLY B 164 5.49 -7.65 -23.00
C GLY B 164 6.32 -8.91 -22.83
N LEU B 165 6.80 -9.15 -21.61
CA LEU B 165 7.62 -10.32 -21.31
C LEU B 165 6.77 -11.56 -21.09
N SER B 166 7.34 -12.72 -21.38
CA SER B 166 6.72 -14.00 -21.03
C SER B 166 6.71 -14.10 -19.51
N PHE B 167 5.89 -15.00 -18.97
CA PHE B 167 5.83 -15.19 -17.53
C PHE B 167 7.19 -15.56 -16.93
N GLU B 168 7.88 -16.54 -17.52
CA GLU B 168 9.19 -16.96 -17.02
C GLU B 168 10.21 -15.81 -17.07
N GLN B 169 10.25 -15.09 -18.19
CA GLN B 169 11.17 -13.97 -18.33
C GLN B 169 10.97 -12.91 -17.27
N ALA B 170 9.72 -12.50 -17.06
CA ALA B 170 9.38 -11.53 -16.05
C ALA B 170 9.80 -12.03 -14.67
N MET B 171 9.42 -13.26 -14.33
CA MET B 171 9.78 -13.85 -13.05
C MET B 171 11.29 -13.88 -12.83
N GLN B 172 12.02 -14.36 -13.83
CA GLN B 172 13.48 -14.47 -13.76
C GLN B 172 14.15 -13.11 -13.53
N THR B 173 13.81 -12.14 -14.38
CA THR B 173 14.50 -10.84 -14.39
C THR B 173 14.02 -9.90 -13.29
N ARG B 174 12.78 -10.04 -12.87
CA ARG B 174 12.19 -9.12 -11.90
C ARG B 174 12.18 -9.63 -10.47
N VAL B 175 12.26 -10.95 -10.30
CA VAL B 175 12.18 -11.55 -8.97
C VAL B 175 13.42 -12.42 -8.62
N PHE B 176 13.65 -13.49 -9.38
CA PHE B 176 14.74 -14.42 -9.09
C PHE B 176 16.10 -13.75 -9.06
N GLN B 177 16.41 -12.99 -10.10
CA GLN B 177 17.74 -12.39 -10.26
C GLN B 177 18.08 -11.27 -9.27
N PRO B 178 17.19 -10.27 -9.09
CA PRO B 178 17.49 -9.24 -8.08
C PRO B 178 17.70 -9.81 -6.68
N LEU B 179 17.05 -10.93 -6.38
CA LEU B 179 17.15 -11.57 -5.07
C LEU B 179 18.24 -12.64 -5.04
N LYS B 180 18.95 -12.79 -6.17
CA LYS B 180 20.05 -13.75 -6.30
C LYS B 180 19.61 -15.18 -6.01
N LEU B 181 18.43 -15.54 -6.51
CA LEU B 181 17.96 -16.92 -6.44
C LEU B 181 18.53 -17.66 -7.65
N ASN B 182 19.80 -18.02 -7.53
CA ASN B 182 20.61 -18.48 -8.66
C ASN B 182 20.42 -19.95 -9.05
N HIS B 183 19.59 -20.67 -8.31
CA HIS B 183 19.25 -22.06 -8.61
C HIS B 183 17.75 -22.29 -8.47
N THR B 184 16.99 -21.30 -8.94
CA THR B 184 15.54 -21.33 -8.91
C THR B 184 15.04 -21.19 -10.35
N TRP B 185 14.16 -22.12 -10.74
CA TRP B 185 13.71 -22.24 -12.13
C TRP B 185 12.25 -22.62 -12.25
N ILE B 186 11.58 -22.05 -13.27
CA ILE B 186 10.28 -22.51 -13.71
C ILE B 186 10.50 -23.70 -14.65
N ASN B 187 11.47 -23.56 -15.54
CA ASN B 187 11.92 -24.66 -16.40
C ASN B 187 13.38 -24.97 -16.06
N VAL B 188 13.61 -26.17 -15.50
CA VAL B 188 14.95 -26.60 -15.08
C VAL B 188 15.83 -26.85 -16.31
N PRO B 189 16.96 -26.09 -16.40
CA PRO B 189 17.82 -26.26 -17.57
C PRO B 189 18.69 -27.52 -17.43
N PRO B 190 19.23 -28.04 -18.56
CA PRO B 190 20.08 -29.23 -18.53
C PRO B 190 21.19 -29.23 -17.47
N ALA B 191 21.81 -28.07 -17.24
CA ALA B 191 22.91 -27.96 -16.26
C ALA B 191 22.48 -28.29 -14.83
N GLU B 192 21.19 -28.14 -14.55
CA GLU B 192 20.64 -28.36 -13.20
C GLU B 192 19.94 -29.70 -13.02
N GLU B 193 19.79 -30.46 -14.11
CA GLU B 193 19.09 -31.76 -14.06
C GLU B 193 19.69 -32.73 -13.04
N LYS B 194 21.01 -32.70 -12.88
CA LYS B 194 21.70 -33.57 -11.91
C LYS B 194 21.35 -33.20 -10.45
N ASN B 195 20.89 -31.96 -10.26
CA ASN B 195 20.52 -31.47 -8.93
C ASN B 195 19.02 -31.51 -8.66
N TYR B 196 18.23 -31.82 -9.70
CA TYR B 196 16.79 -31.83 -9.61
C TYR B 196 16.31 -33.15 -9.00
N ALA B 197 15.81 -33.07 -7.77
CA ALA B 197 15.34 -34.25 -7.03
C ALA B 197 14.16 -34.91 -7.74
N TRP B 198 14.08 -36.23 -7.61
CA TRP B 198 12.89 -36.95 -8.03
C TRP B 198 11.84 -36.88 -6.93
N GLY B 199 10.60 -36.68 -7.34
CA GLY B 199 9.47 -36.78 -6.42
C GLY B 199 9.04 -38.23 -6.33
N TYR B 200 8.38 -38.59 -5.23
CA TYR B 200 7.97 -39.98 -5.02
C TYR B 200 6.51 -40.14 -4.65
N ARG B 201 5.79 -40.85 -5.52
CA ARG B 201 4.38 -41.13 -5.34
C ARG B 201 4.17 -42.61 -5.63
N GLU B 202 3.73 -43.35 -4.62
CA GLU B 202 3.57 -44.80 -4.71
C GLU B 202 4.88 -45.50 -5.12
N GLY B 203 5.99 -45.02 -4.55
CA GLY B 203 7.31 -45.62 -4.77
C GLY B 203 7.91 -45.34 -6.13
N LYS B 204 7.21 -44.55 -6.94
CA LYS B 204 7.64 -44.28 -8.32
C LYS B 204 8.23 -42.87 -8.42
N ALA B 205 9.41 -42.78 -9.03
CA ALA B 205 10.08 -41.49 -9.23
C ALA B 205 9.34 -40.67 -10.27
N VAL B 206 8.88 -39.48 -9.87
CA VAL B 206 8.08 -38.62 -10.75
C VAL B 206 8.49 -37.15 -10.70
N HIS B 207 8.32 -36.48 -11.84
CA HIS B 207 8.42 -35.02 -11.93
C HIS B 207 7.08 -34.47 -12.38
N VAL B 208 6.81 -33.20 -12.06
CA VAL B 208 5.54 -32.55 -12.40
C VAL B 208 5.27 -32.56 -13.92
N SER B 209 4.04 -32.92 -14.28
CA SER B 209 3.57 -32.90 -15.67
C SER B 209 3.24 -31.48 -16.12
N PRO B 210 3.53 -31.15 -17.40
CA PRO B 210 3.02 -29.89 -17.93
C PRO B 210 1.50 -29.80 -17.87
N GLY B 211 1.00 -28.58 -17.71
CA GLY B 211 -0.43 -28.32 -17.61
C GLY B 211 -0.66 -26.85 -17.86
N ALA B 212 -1.89 -26.48 -18.21
CA ALA B 212 -2.23 -25.10 -18.45
C ALA B 212 -2.00 -24.27 -17.19
N LEU B 213 -1.32 -23.13 -17.37
CA LEU B 213 -1.02 -22.20 -16.28
C LEU B 213 -0.20 -22.83 -15.15
N ASP B 214 0.60 -23.85 -15.49
CA ASP B 214 1.43 -24.52 -14.49
C ASP B 214 2.48 -23.59 -13.89
N ALA B 215 3.18 -22.84 -14.75
CA ALA B 215 4.22 -21.92 -14.30
C ALA B 215 3.66 -20.94 -13.27
N GLU B 216 2.50 -20.39 -13.59
CA GLU B 216 1.86 -19.34 -12.80
C GLU B 216 1.28 -19.84 -11.48
N ALA B 217 0.83 -21.10 -11.45
CA ALA B 217 0.12 -21.63 -10.29
C ALA B 217 0.95 -22.56 -9.42
N TYR B 218 1.84 -23.35 -10.02
CA TYR B 218 2.55 -24.39 -9.27
C TYR B 218 3.89 -24.85 -9.84
N GLY B 219 4.51 -24.02 -10.68
CA GLY B 219 5.64 -24.48 -11.51
C GLY B 219 7.07 -24.16 -11.13
N VAL B 220 7.29 -23.59 -9.95
CA VAL B 220 8.65 -23.21 -9.54
C VAL B 220 9.38 -24.37 -8.85
N LYS B 221 10.64 -24.56 -9.22
CA LYS B 221 11.53 -25.48 -8.54
C LYS B 221 12.66 -24.68 -7.92
N SER B 222 13.07 -25.03 -6.71
CA SER B 222 14.06 -24.26 -5.98
C SER B 222 14.84 -25.09 -4.98
N THR B 223 15.97 -24.54 -4.54
CA THR B 223 16.84 -25.17 -3.55
C THR B 223 16.54 -24.63 -2.16
N ILE B 224 17.01 -25.34 -1.13
CA ILE B 224 16.81 -24.90 0.25
C ILE B 224 17.53 -23.56 0.54
N GLU B 225 18.65 -23.35 -0.13
CA GLU B 225 19.41 -22.10 0.00
C GLU B 225 18.65 -20.91 -0.60
N ASP B 226 18.12 -21.10 -1.79
CA ASP B 226 17.34 -20.05 -2.45
C ASP B 226 16.05 -19.74 -1.71
N MET B 227 15.40 -20.79 -1.21
CA MET B 227 14.15 -20.62 -0.46
C MET B 227 14.38 -19.91 0.88
N ALA B 228 15.55 -20.14 1.48
CA ALA B 228 15.96 -19.39 2.67
C ALA B 228 16.09 -17.90 2.36
N ARG B 229 16.68 -17.59 1.21
CA ARG B 229 16.81 -16.20 0.75
CA ARG B 229 16.81 -16.21 0.74
C ARG B 229 15.44 -15.60 0.45
N TRP B 230 14.53 -16.43 -0.08
CA TRP B 230 13.16 -16.04 -0.37
C TRP B 230 12.43 -15.66 0.92
N VAL B 231 12.64 -16.43 1.99
CA VAL B 231 12.07 -16.11 3.30
C VAL B 231 12.67 -14.82 3.86
N GLN B 232 14.00 -14.69 3.80
CA GLN B 232 14.68 -13.47 4.26
C GLN B 232 14.15 -12.21 3.58
N SER B 233 13.91 -12.32 2.27
CA SER B 233 13.43 -11.21 1.44
C SER B 233 12.01 -10.80 1.80
N ASN B 234 11.17 -11.78 2.12
CA ASN B 234 9.79 -11.51 2.50
C ASN B 234 9.67 -11.08 3.97
N LEU B 235 10.61 -11.50 4.79
CA LEU B 235 10.72 -11.07 6.18
C LEU B 235 11.13 -9.60 6.31
N LYS B 236 11.99 -9.16 5.39
CA LYS B 236 12.60 -7.85 5.50
C LYS B 236 12.70 -7.18 4.14
N PRO B 237 11.54 -6.78 3.57
CA PRO B 237 11.51 -6.23 2.21
C PRO B 237 12.26 -4.90 2.07
N LEU B 238 12.46 -4.20 3.18
CA LEU B 238 13.18 -2.92 3.19
C LEU B 238 14.66 -3.04 2.86
N ASP B 239 15.22 -4.23 3.03
CA ASP B 239 16.62 -4.49 2.67
C ASP B 239 16.82 -4.68 1.17
N ILE B 240 15.72 -4.77 0.42
CA ILE B 240 15.79 -4.98 -1.03
C ILE B 240 16.00 -3.67 -1.78
N ASN B 241 17.09 -3.62 -2.54
CA ASN B 241 17.50 -2.44 -3.29
C ASN B 241 16.55 -2.02 -4.41
N GLU B 242 15.94 -2.99 -5.08
CA GLU B 242 15.01 -2.71 -6.18
C GLU B 242 13.68 -2.24 -5.63
N LYS B 243 13.35 -0.98 -5.92
CA LYS B 243 12.21 -0.31 -5.34
C LYS B 243 10.89 -1.05 -5.58
N THR B 244 10.57 -1.30 -6.85
CA THR B 244 9.30 -1.93 -7.19
C THR B 244 9.16 -3.35 -6.62
N LEU B 245 10.27 -4.05 -6.45
CA LEU B 245 10.27 -5.38 -5.83
C LEU B 245 10.01 -5.29 -4.33
N GLN B 246 10.71 -4.37 -3.68
CA GLN B 246 10.48 -4.03 -2.28
C GLN B 246 8.98 -3.75 -2.04
N GLN B 247 8.39 -2.93 -2.90
CA GLN B 247 6.97 -2.57 -2.81
C GLN B 247 6.05 -3.75 -3.12
N GLY B 248 6.45 -4.56 -4.11
CA GLY B 248 5.70 -5.75 -4.50
C GLY B 248 5.60 -6.81 -3.41
N ILE B 249 6.69 -7.01 -2.68
CA ILE B 249 6.71 -7.93 -1.54
C ILE B 249 5.77 -7.42 -0.43
N GLN B 250 5.83 -6.11 -0.17
CA GLN B 250 4.94 -5.46 0.79
C GLN B 250 3.46 -5.64 0.41
N LEU B 251 3.16 -5.43 -0.88
CA LEU B 251 1.79 -5.57 -1.39
C LEU B 251 1.28 -7.01 -1.28
N ALA B 252 2.15 -7.98 -1.49
CA ALA B 252 1.78 -9.39 -1.41
C ALA B 252 1.37 -9.82 0.01
N GLN B 253 1.82 -9.05 1.00
CA GLN B 253 1.44 -9.30 2.40
C GLN B 253 0.34 -8.36 2.93
N SER B 254 -0.21 -7.51 2.07
CA SER B 254 -1.37 -6.73 2.46
C SER B 254 -2.57 -7.67 2.68
N ARG B 255 -3.45 -7.28 3.59
CA ARG B 255 -4.63 -8.08 3.93
C ARG B 255 -5.83 -7.58 3.13
N TYR B 256 -6.22 -8.36 2.11
CA TYR B 256 -7.29 -7.97 1.17
C TYR B 256 -8.68 -8.49 1.56
N TRP B 257 -8.72 -9.70 2.11
CA TRP B 257 -9.95 -10.35 2.54
C TRP B 257 -9.71 -11.05 3.87
N GLN B 258 -10.77 -11.19 4.65
CA GLN B 258 -10.71 -11.99 5.86
C GLN B 258 -11.74 -13.11 5.82
N THR B 259 -11.30 -14.32 6.13
CA THR B 259 -12.19 -15.45 6.40
C THR B 259 -11.74 -16.11 7.70
N GLY B 260 -12.61 -16.08 8.71
CA GLY B 260 -12.25 -16.56 10.04
C GLY B 260 -11.10 -15.75 10.61
N ASP B 261 -10.03 -16.43 11.02
CA ASP B 261 -8.84 -15.74 11.54
C ASP B 261 -7.73 -15.63 10.48
N MET B 262 -8.05 -15.95 9.23
CA MET B 262 -7.08 -15.87 8.14
C MET B 262 -7.32 -14.65 7.25
N TYR B 263 -6.22 -14.10 6.72
CA TYR B 263 -6.26 -12.98 5.78
C TYR B 263 -5.59 -13.39 4.50
N GLN B 264 -6.23 -13.08 3.38
CA GLN B 264 -5.68 -13.43 2.07
C GLN B 264 -4.81 -12.31 1.52
N GLY B 265 -3.55 -12.64 1.25
CA GLY B 265 -2.65 -11.73 0.55
C GLY B 265 -2.57 -12.10 -0.92
N LEU B 266 -1.49 -11.69 -1.58
CA LEU B 266 -1.23 -12.12 -2.94
C LEU B 266 -0.32 -13.34 -2.87
N GLY B 267 -0.90 -14.52 -2.98
CA GLY B 267 -0.14 -15.76 -2.80
C GLY B 267 0.00 -16.14 -1.34
N TRP B 268 0.66 -15.27 -0.56
CA TRP B 268 0.79 -15.47 0.88
C TRP B 268 -0.57 -15.47 1.58
N GLU B 269 -0.68 -16.25 2.64
CA GLU B 269 -1.81 -16.18 3.56
C GLU B 269 -1.26 -15.77 4.92
N MET B 270 -2.04 -15.00 5.68
CA MET B 270 -1.57 -14.43 6.94
C MET B 270 -2.58 -14.57 8.08
N LEU B 271 -2.07 -14.70 9.30
CA LEU B 271 -2.88 -14.66 10.50
C LEU B 271 -2.13 -13.81 11.52
N ASP B 272 -2.86 -13.19 12.44
CA ASP B 272 -2.22 -12.42 13.51
C ASP B 272 -1.37 -13.28 14.42
N TRP B 273 -0.19 -12.78 14.78
CA TRP B 273 0.67 -13.42 15.76
C TRP B 273 0.45 -12.76 17.14
N PRO B 274 0.32 -13.59 18.21
CA PRO B 274 0.41 -15.05 18.24
C PRO B 274 -0.81 -15.73 17.62
N VAL B 275 -0.57 -16.88 17.00
CA VAL B 275 -1.63 -17.66 16.35
C VAL B 275 -2.09 -18.78 17.26
N ASN B 276 -3.35 -19.18 17.08
CA ASN B 276 -3.83 -20.44 17.63
C ASN B 276 -3.31 -21.55 16.71
N PRO B 277 -2.41 -22.42 17.23
CA PRO B 277 -1.84 -23.49 16.41
C PRO B 277 -2.88 -24.41 15.79
N ASP B 278 -3.91 -24.78 16.57
CA ASP B 278 -4.97 -25.64 16.07
C ASP B 278 -5.65 -25.03 14.85
N SER B 279 -5.73 -23.70 14.82
CA SER B 279 -6.34 -23.00 13.70
C SER B 279 -5.55 -23.15 12.40
N ILE B 280 -4.24 -22.93 12.44
CA ILE B 280 -3.41 -23.12 11.25
C ILE B 280 -3.21 -24.58 10.89
N ILE B 281 -3.09 -25.45 11.90
CA ILE B 281 -2.92 -26.89 11.66
C ILE B 281 -4.17 -27.49 11.02
N ASN B 282 -5.31 -27.37 11.70
CA ASN B 282 -6.58 -27.88 11.17
C ASN B 282 -6.98 -27.17 9.88
N GLY B 283 -6.72 -25.86 9.81
CA GLY B 283 -7.06 -25.05 8.64
C GLY B 283 -6.34 -25.45 7.37
N SER B 284 -5.17 -26.09 7.53
CA SER B 284 -4.36 -26.52 6.39
C SER B 284 -4.84 -27.82 5.76
N ASP B 285 -5.69 -28.55 6.47
CA ASP B 285 -6.31 -29.76 5.91
C ASP B 285 -7.15 -29.36 4.71
N ASN B 286 -6.98 -30.08 3.61
CA ASN B 286 -7.68 -29.73 2.36
C ASN B 286 -9.21 -29.73 2.47
N LYS B 287 -9.74 -30.40 3.49
CA LYS B 287 -11.16 -30.33 3.80
C LYS B 287 -11.59 -28.89 4.06
N ILE B 288 -10.71 -28.14 4.73
CA ILE B 288 -10.92 -26.71 4.99
C ILE B 288 -10.27 -25.84 3.90
N ALA B 289 -8.99 -26.11 3.63
CA ALA B 289 -8.19 -25.26 2.73
C ALA B 289 -8.77 -25.12 1.31
N LEU B 290 -9.47 -26.16 0.85
CA LEU B 290 -10.02 -26.19 -0.51
C LEU B 290 -11.53 -25.90 -0.56
N ALA B 291 -12.13 -25.66 0.59
CA ALA B 291 -13.57 -25.38 0.70
C ALA B 291 -13.87 -23.90 0.48
N ALA B 292 -15.05 -23.60 -0.05
CA ALA B 292 -15.50 -22.22 -0.20
C ALA B 292 -15.82 -21.62 1.17
N ARG B 293 -15.41 -20.38 1.36
CA ARG B 293 -15.66 -19.65 2.61
C ARG B 293 -16.02 -18.21 2.28
N PRO B 294 -17.03 -17.64 2.97
CA PRO B 294 -17.38 -16.24 2.73
C PRO B 294 -16.26 -15.31 3.15
N VAL B 295 -16.00 -14.28 2.35
CA VAL B 295 -14.97 -13.29 2.66
C VAL B 295 -15.58 -11.95 3.04
N LYS B 296 -14.92 -11.26 3.98
CA LYS B 296 -15.23 -9.87 4.28
C LYS B 296 -14.12 -9.00 3.70
N ALA B 297 -14.52 -8.10 2.80
CA ALA B 297 -13.59 -7.17 2.18
C ALA B 297 -12.92 -6.31 3.24
N ILE B 298 -11.61 -6.13 3.09
CA ILE B 298 -10.87 -5.23 3.96
C ILE B 298 -10.67 -3.96 3.15
N THR B 299 -11.46 -2.95 3.49
CA THR B 299 -11.60 -1.75 2.68
C THR B 299 -11.12 -0.50 3.42
N PRO B 300 -9.89 -0.03 3.11
CA PRO B 300 -8.93 -0.58 2.17
C PRO B 300 -8.05 -1.67 2.80
N PRO B 301 -7.31 -2.42 1.98
CA PRO B 301 -6.42 -3.45 2.51
C PRO B 301 -5.44 -2.93 3.56
N THR B 302 -5.30 -3.68 4.64
CA THR B 302 -4.36 -3.36 5.69
C THR B 302 -2.95 -3.67 5.18
N PRO B 303 -2.02 -2.69 5.29
CA PRO B 303 -0.64 -2.94 4.89
C PRO B 303 -0.03 -4.07 5.70
N ALA B 304 1.01 -4.68 5.16
CA ALA B 304 1.70 -5.81 5.81
C ALA B 304 1.87 -5.62 7.32
N VAL B 305 1.27 -6.52 8.09
CA VAL B 305 1.34 -6.49 9.54
C VAL B 305 2.55 -7.30 9.99
N ARG B 306 3.47 -6.63 10.69
CA ARG B 306 4.71 -7.26 11.11
C ARG B 306 4.46 -8.44 12.08
N ALA B 307 3.52 -8.27 12.99
CA ALA B 307 3.14 -9.32 13.93
C ALA B 307 2.15 -10.30 13.30
N SER B 308 2.62 -11.04 12.30
CA SER B 308 1.81 -12.02 11.58
C SER B 308 2.53 -13.34 11.44
N TRP B 309 1.76 -14.43 11.41
CA TRP B 309 2.22 -15.71 10.89
C TRP B 309 1.87 -15.69 9.41
N VAL B 310 2.90 -15.67 8.55
CA VAL B 310 2.71 -15.64 7.11
C VAL B 310 3.17 -16.97 6.56
N HIS B 311 2.36 -17.61 5.71
CA HIS B 311 2.67 -18.96 5.29
C HIS B 311 2.02 -19.39 3.98
N LYS B 312 2.47 -20.54 3.46
CA LYS B 312 1.86 -21.17 2.29
C LYS B 312 2.29 -22.64 2.20
N THR B 313 1.31 -23.53 2.03
CA THR B 313 1.57 -24.92 1.71
C THR B 313 1.69 -25.07 0.19
N GLY B 314 2.39 -26.11 -0.25
CA GLY B 314 2.51 -26.39 -1.67
C GLY B 314 2.75 -27.86 -1.92
N ALA B 315 2.11 -28.40 -2.94
CA ALA B 315 2.34 -29.80 -3.32
C ALA B 315 2.32 -30.00 -4.83
N THR B 316 3.08 -30.99 -5.28
CA THR B 316 2.85 -31.62 -6.58
C THR B 316 2.61 -33.09 -6.31
N GLY B 317 2.46 -33.89 -7.35
CA GLY B 317 2.28 -35.33 -7.20
C GLY B 317 3.35 -35.99 -6.35
N GLY B 318 4.59 -35.54 -6.51
CA GLY B 318 5.72 -36.16 -5.83
C GLY B 318 6.40 -35.35 -4.74
N PHE B 319 5.87 -34.16 -4.44
CA PHE B 319 6.54 -33.24 -3.50
C PHE B 319 5.57 -32.59 -2.53
N GLY B 320 6.07 -32.26 -1.34
CA GLY B 320 5.31 -31.50 -0.34
C GLY B 320 6.18 -30.42 0.28
N SER B 321 5.72 -29.18 0.22
CA SER B 321 6.51 -28.05 0.71
C SER B 321 5.71 -27.20 1.69
N TYR B 322 6.42 -26.41 2.49
CA TYR B 322 5.80 -25.47 3.41
C TYR B 322 6.78 -24.36 3.74
N VAL B 323 6.25 -23.14 3.82
CA VAL B 323 7.03 -21.98 4.21
C VAL B 323 6.19 -21.19 5.21
N ALA B 324 6.82 -20.78 6.31
CA ALA B 324 6.15 -19.94 7.31
C ALA B 324 7.15 -18.99 7.92
N PHE B 325 6.74 -17.75 8.17
CA PHE B 325 7.62 -16.77 8.82
C PHE B 325 6.84 -15.74 9.62
N ILE B 326 7.53 -15.12 10.59
CA ILE B 326 6.95 -14.09 11.45
C ILE B 326 7.86 -12.87 11.36
N PRO B 327 7.46 -11.86 10.55
CA PRO B 327 8.33 -10.69 10.31
C PRO B 327 8.82 -9.99 11.58
N GLU B 328 7.90 -9.80 12.53
CA GLU B 328 8.19 -9.20 13.84
C GLU B 328 9.38 -9.86 14.53
N LYS B 329 9.49 -11.17 14.36
CA LYS B 329 10.46 -11.98 15.10
C LYS B 329 11.71 -12.33 14.29
N GLU B 330 11.77 -11.89 13.02
CA GLU B 330 12.88 -12.22 12.12
CA GLU B 330 12.88 -12.22 12.12
C GLU B 330 13.09 -13.73 12.10
N LEU B 331 11.98 -14.47 12.05
CA LEU B 331 11.98 -15.91 12.24
C LEU B 331 11.23 -16.58 11.10
N GLY B 332 11.77 -17.67 10.57
CA GLY B 332 11.10 -18.39 9.48
C GLY B 332 11.58 -19.80 9.31
N ILE B 333 10.84 -20.56 8.50
CA ILE B 333 11.16 -21.95 8.21
C ILE B 333 10.73 -22.34 6.79
N VAL B 334 11.55 -23.15 6.14
CA VAL B 334 11.22 -23.76 4.85
C VAL B 334 11.41 -25.26 5.00
N MET B 335 10.40 -26.02 4.60
CA MET B 335 10.46 -27.48 4.64
C MET B 335 10.15 -28.01 3.24
N LEU B 336 11.15 -28.63 2.63
CA LEU B 336 11.04 -29.20 1.28
C LEU B 336 11.23 -30.69 1.32
N ALA B 337 10.22 -31.43 0.88
CA ALA B 337 10.24 -32.89 0.86
C ALA B 337 9.90 -33.42 -0.53
N ASN B 338 10.55 -34.52 -0.91
CA ASN B 338 10.20 -35.16 -2.18
C ASN B 338 9.17 -36.29 -2.01
N LYS B 339 8.19 -36.01 -1.15
CA LYS B 339 6.95 -36.79 -1.07
C LYS B 339 5.82 -35.85 -0.64
N ASN B 340 4.65 -36.02 -1.27
CA ASN B 340 3.46 -35.26 -0.89
C ASN B 340 2.77 -35.88 0.33
N TYR B 341 3.13 -35.38 1.50
CA TYR B 341 2.56 -35.83 2.76
C TYR B 341 1.62 -34.77 3.33
N PRO B 342 0.65 -35.17 4.18
CA PRO B 342 -0.45 -34.28 4.60
C PRO B 342 -0.02 -32.92 5.16
N ASN B 343 -0.73 -31.87 4.74
CA ASN B 343 -0.49 -30.50 5.19
C ASN B 343 -0.43 -30.31 6.71
N PRO B 344 -1.41 -30.87 7.46
CA PRO B 344 -1.37 -30.64 8.91
C PRO B 344 -0.08 -31.13 9.58
N ALA B 345 0.53 -32.19 9.06
CA ALA B 345 1.81 -32.67 9.58
C ALA B 345 2.94 -31.66 9.35
N ARG B 346 2.89 -30.97 8.20
CA ARG B 346 3.87 -29.92 7.89
C ARG B 346 3.72 -28.73 8.83
N VAL B 347 2.49 -28.26 8.98
CA VAL B 347 2.19 -27.10 9.79
C VAL B 347 2.50 -27.36 11.27
N ASP B 348 2.13 -28.56 11.75
CA ASP B 348 2.39 -28.95 13.14
C ASP B 348 3.89 -28.89 13.43
N ALA B 349 4.69 -29.47 12.54
CA ALA B 349 6.14 -29.49 12.66
C ALA B 349 6.71 -28.07 12.67
N ALA B 350 6.28 -27.25 11.71
CA ALA B 350 6.73 -25.86 11.60
C ALA B 350 6.40 -25.08 12.85
N TRP B 351 5.19 -25.28 13.37
CA TRP B 351 4.76 -24.58 14.57
C TRP B 351 5.59 -24.96 15.81
N GLN B 352 5.84 -26.26 15.98
CA GLN B 352 6.69 -26.73 17.09
C GLN B 352 8.05 -26.06 17.07
N ILE B 353 8.62 -25.91 15.88
CA ILE B 353 9.95 -25.35 15.71
C ILE B 353 9.95 -23.83 15.96
N LEU B 354 9.08 -23.10 15.28
CA LEU B 354 9.03 -21.64 15.41
C LEU B 354 8.56 -21.18 16.79
N ASN B 355 7.62 -21.91 17.38
CA ASN B 355 7.14 -21.58 18.73
C ASN B 355 8.22 -21.77 19.78
N ALA B 356 9.08 -22.76 19.59
CA ALA B 356 10.20 -23.02 20.48
C ALA B 356 11.24 -21.90 20.41
N LEU B 357 11.39 -21.32 19.21
CA LEU B 357 12.46 -20.36 18.95
C LEU B 357 12.06 -18.89 19.12
N GLN B 358 10.77 -18.58 19.05
CA GLN B 358 10.31 -17.19 19.19
C GLN B 358 10.51 -16.62 20.60
O11 GF4 C . -11.77 28.60 9.75
C3 GF4 C . -11.57 29.10 8.59
C4 GF4 C . -11.89 28.42 7.31
C12 GF4 C . -12.48 27.05 7.11
C13 GF4 C . -11.31 26.14 6.80
C5 GF4 C . -11.47 29.43 6.29
C14 GF4 C . -11.57 29.29 4.79
N1 GF4 C . -10.99 30.54 6.94
N2 GF4 C . -11.07 30.29 8.32
C6 GF4 C . -10.67 31.18 9.24
N10 GF4 C . -9.96 32.28 8.91
N9 GF4 C . -9.74 32.93 10.14
N8 GF4 C . -10.34 32.16 11.15
N7 GF4 C . -10.93 31.04 10.55
#